data_3UXV
#
_entry.id   3UXV
#
_cell.length_a   71.368
_cell.length_b   71.387
_cell.length_c   71.359
_cell.angle_alpha   109.89
_cell.angle_beta   119.61
_cell.angle_gamma   99.46
#
_symmetry.space_group_name_H-M   'P 1'
#
loop_
_entity.id
_entity.type
_entity.pdbx_description
1 polymer 'NADPH-dependent 7-cyano-7-deazaguanine reductase'
2 non-polymer 1,2-ETHANEDIOL
3 non-polymer GLYCEROL
4 non-polymer 'NADP NICOTINAMIDE-ADENINE-DINUCLEOTIDE PHOSPHATE'
5 non-polymer GUANINE
6 water water
#
_entity_poly.entity_id   1
_entity_poly.type   'polypeptide(L)'
_entity_poly.pdbx_seq_one_letter_code
;SNA(MSE)NRLKN(MSE)SKYSDAKELASLTLGKKTEYANQYDPSLLQPVPRSLNRNDLHLSATLPFQGCDIWTLYELSW
LNQKGLPQVAIGEVSIPATSANLIESKSFKLYLNSYNQTRFASWDEVQTRLVHDLSACAGETVTVNVKSLNEYTAEPIVT
(MSE)QGECIDDQDIEIANYEFDDALLQGAAQGEEVSEVLHSHLLKSNALITNQPDWGSVEIAYHGAK(MSE)NREALLR
YLVSFREHNEFHEQCVERIFTDI(MSE)RYCQPQSLTVYARYTRRGGLDINPFRSSHQSAPNHNQR(MSE)ARQ
;
_entity_poly.pdbx_strand_id   A,B,C,D
#
# COMPACT_ATOMS: atom_id res chain seq x y z
N ASN A 32 0.72 -13.24 -34.78
CA ASN A 32 -0.38 -14.06 -35.27
C ASN A 32 -1.61 -14.06 -34.36
N GLN A 33 -2.76 -14.26 -35.00
N GLN A 33 -2.77 -14.23 -34.96
CA GLN A 33 -4.02 -14.21 -34.30
CA GLN A 33 -4.00 -14.23 -34.17
C GLN A 33 -4.51 -15.63 -33.98
C GLN A 33 -4.48 -15.64 -33.88
N TYR A 34 -5.73 -15.74 -33.44
CA TYR A 34 -6.26 -16.99 -32.88
C TYR A 34 -5.87 -18.22 -33.67
N ASP A 35 -5.24 -19.18 -32.98
CA ASP A 35 -4.78 -20.36 -33.68
C ASP A 35 -4.79 -21.60 -32.73
N PRO A 36 -5.90 -22.31 -32.75
CA PRO A 36 -6.04 -23.50 -31.90
C PRO A 36 -5.04 -24.62 -32.30
N SER A 37 -4.47 -24.57 -33.49
CA SER A 37 -3.52 -25.61 -33.90
C SER A 37 -2.22 -25.51 -33.08
N LEU A 38 -2.02 -24.40 -32.38
CA LEU A 38 -0.80 -24.25 -31.59
C LEU A 38 -0.81 -25.21 -30.39
N LEU A 39 -1.98 -25.61 -29.93
CA LEU A 39 -2.05 -26.51 -28.75
C LEU A 39 -1.42 -27.84 -29.06
N GLN A 40 -0.66 -28.35 -28.11
CA GLN A 40 0.06 -29.62 -28.31
C GLN A 40 -0.44 -30.60 -27.26
N PRO A 41 -1.20 -31.61 -27.68
CA PRO A 41 -1.56 -32.65 -26.69
C PRO A 41 -0.39 -33.60 -26.45
N VAL A 42 -0.29 -34.15 -25.24
CA VAL A 42 0.67 -35.24 -24.94
C VAL A 42 -0.14 -36.33 -24.26
N PRO A 43 -0.09 -37.55 -24.80
CA PRO A 43 -0.86 -38.65 -24.20
C PRO A 43 -0.37 -38.89 -22.78
N ARG A 44 -1.30 -39.02 -21.83
CA ARG A 44 -0.90 -39.29 -20.47
C ARG A 44 -0.25 -40.65 -20.35
N SER A 45 -0.65 -41.60 -21.21
CA SER A 45 -0.08 -42.94 -21.18
C SER A 45 1.42 -42.98 -21.43
N LEU A 46 1.93 -41.97 -22.15
CA LEU A 46 3.34 -41.93 -22.51
C LEU A 46 4.21 -41.99 -21.25
N ASN A 47 3.90 -41.18 -20.26
N ASN A 47 3.95 -41.16 -20.25
CA ASN A 47 4.66 -41.25 -19.02
CA ASN A 47 4.70 -41.32 -18.99
C ASN A 47 4.12 -42.22 -17.98
C ASN A 47 4.16 -42.38 -18.09
N ARG A 48 2.84 -42.52 -18.03
CA ARG A 48 2.29 -43.49 -17.10
C ARG A 48 2.82 -44.89 -17.35
N ASN A 49 3.14 -45.21 -18.60
CA ASN A 49 3.73 -46.51 -18.94
C ASN A 49 4.94 -46.85 -18.05
N ASP A 50 5.80 -45.85 -17.87
N ASP A 50 5.81 -45.86 -17.87
CA ASP A 50 6.99 -46.00 -17.05
CA ASP A 50 7.00 -46.04 -17.03
C ASP A 50 6.72 -46.14 -15.54
C ASP A 50 6.69 -46.22 -15.55
N LEU A 51 5.51 -45.76 -15.09
CA LEU A 51 5.07 -46.03 -13.71
C LEU A 51 4.58 -47.46 -13.48
N HIS A 52 4.37 -48.23 -14.55
CA HIS A 52 3.83 -49.62 -14.44
C HIS A 52 2.53 -49.72 -13.64
N LEU A 53 1.56 -48.88 -13.97
CA LEU A 53 0.29 -48.88 -13.24
C LEU A 53 -0.56 -50.09 -13.57
N SER A 54 -1.57 -50.36 -12.75
CA SER A 54 -2.57 -51.39 -13.09
C SER A 54 -3.35 -50.90 -14.31
N ALA A 55 -4.27 -51.73 -14.80
CA ALA A 55 -5.12 -51.32 -15.92
C ALA A 55 -5.99 -50.17 -15.49
N THR A 56 -6.61 -50.31 -14.32
CA THR A 56 -7.40 -49.22 -13.76
C THR A 56 -6.52 -48.23 -12.97
N LEU A 57 -6.58 -46.95 -13.30
CA LEU A 57 -5.80 -45.93 -12.54
C LEU A 57 -5.99 -46.05 -11.03
N PRO A 58 -4.88 -45.95 -10.28
CA PRO A 58 -4.92 -46.02 -8.82
C PRO A 58 -5.21 -44.66 -8.18
N PHE A 59 -5.39 -43.64 -9.02
CA PHE A 59 -5.71 -42.33 -8.47
C PHE A 59 -6.80 -41.70 -9.31
N GLN A 60 -7.39 -40.65 -8.76
CA GLN A 60 -8.26 -39.74 -9.51
C GLN A 60 -7.74 -38.36 -9.24
N GLY A 61 -8.31 -37.38 -9.91
CA GLY A 61 -7.91 -36.00 -9.66
C GLY A 61 -7.99 -35.14 -10.92
N CYS A 62 -7.15 -34.14 -10.96
CA CYS A 62 -7.23 -33.10 -11.98
C CYS A 62 -5.98 -32.28 -12.00
N ASP A 63 -5.79 -31.58 -13.11
CA ASP A 63 -4.67 -30.60 -13.25
C ASP A 63 -5.35 -29.23 -13.32
N ILE A 64 -5.12 -28.41 -12.32
CA ILE A 64 -5.68 -27.07 -12.32
C ILE A 64 -4.63 -26.08 -12.81
N TRP A 65 -4.99 -25.26 -13.79
CA TRP A 65 -4.05 -24.31 -14.35
C TRP A 65 -4.58 -22.89 -14.06
N THR A 66 -3.63 -22.00 -13.76
CA THR A 66 -4.01 -20.57 -13.68
C THR A 66 -3.36 -19.84 -14.85
N LEU A 67 -4.18 -19.05 -15.53
CA LEU A 67 -3.74 -18.33 -16.72
C LEU A 67 -3.70 -16.84 -16.38
N TYR A 68 -2.54 -16.38 -15.96
CA TYR A 68 -2.45 -15.01 -15.43
C TYR A 68 -2.46 -13.92 -16.48
N GLU A 69 -2.22 -14.30 -17.74
CA GLU A 69 -1.97 -13.30 -18.83
C GLU A 69 -3.02 -13.30 -19.93
N LEU A 70 -4.20 -13.77 -19.64
N LEU A 70 -4.20 -13.81 -19.64
CA LEU A 70 -5.23 -13.89 -20.63
CA LEU A 70 -5.28 -13.79 -20.63
C LEU A 70 -5.74 -12.51 -21.07
C LEU A 70 -5.53 -12.37 -21.07
N SER A 71 -5.57 -12.21 -22.37
CA SER A 71 -5.94 -10.90 -22.89
C SER A 71 -6.28 -11.01 -24.36
N TRP A 72 -7.26 -10.20 -24.77
CA TRP A 72 -7.71 -10.24 -26.13
C TRP A 72 -8.27 -8.83 -26.45
N LEU A 73 -8.86 -8.65 -27.63
CA LEU A 73 -9.47 -7.36 -28.01
C LEU A 73 -10.98 -7.54 -28.03
N ASN A 74 -11.71 -6.50 -27.58
CA ASN A 74 -13.16 -6.55 -27.77
C ASN A 74 -13.54 -6.25 -29.24
N GLN A 75 -14.83 -6.14 -29.55
CA GLN A 75 -15.26 -6.01 -30.94
C GLN A 75 -14.83 -4.68 -31.53
N LYS A 76 -14.58 -3.71 -30.67
CA LYS A 76 -14.17 -2.39 -31.11
C LYS A 76 -12.66 -2.20 -31.02
N GLY A 77 -11.96 -3.27 -30.70
CA GLY A 77 -10.51 -3.23 -30.69
C GLY A 77 -9.87 -2.81 -29.37
N LEU A 78 -10.65 -2.61 -28.35
CA LEU A 78 -10.08 -2.25 -27.04
C LEU A 78 -9.64 -3.48 -26.25
N PRO A 79 -8.41 -3.49 -25.75
CA PRO A 79 -7.92 -4.65 -25.03
C PRO A 79 -8.76 -4.97 -23.77
N GLN A 80 -8.87 -6.28 -23.50
CA GLN A 80 -9.53 -6.86 -22.33
C GLN A 80 -8.47 -7.71 -21.62
N VAL A 81 -8.53 -7.76 -20.28
CA VAL A 81 -7.60 -8.58 -19.52
C VAL A 81 -8.38 -9.35 -18.47
N ALA A 82 -7.88 -10.55 -18.23
CA ALA A 82 -8.60 -11.44 -17.33
C ALA A 82 -7.64 -12.46 -16.78
N ILE A 83 -8.08 -13.19 -15.74
CA ILE A 83 -7.33 -14.36 -15.29
C ILE A 83 -8.18 -15.57 -15.50
N GLY A 84 -7.62 -16.58 -16.17
CA GLY A 84 -8.38 -17.83 -16.38
C GLY A 84 -8.01 -18.91 -15.42
N GLU A 85 -9.00 -19.74 -15.08
CA GLU A 85 -8.77 -20.89 -14.21
C GLU A 85 -9.31 -22.10 -14.98
N VAL A 86 -8.47 -23.13 -15.16
CA VAL A 86 -8.82 -24.28 -16.00
C VAL A 86 -8.66 -25.54 -15.15
N SER A 87 -9.61 -26.45 -15.24
CA SER A 87 -9.40 -27.76 -14.61
C SER A 87 -9.50 -28.84 -15.65
N ILE A 88 -8.42 -29.61 -15.78
CA ILE A 88 -8.39 -30.75 -16.71
C ILE A 88 -8.47 -32.07 -15.95
N PRO A 89 -9.44 -32.93 -16.29
CA PRO A 89 -9.56 -34.19 -15.51
C PRO A 89 -8.33 -35.08 -15.69
N ALA A 90 -7.87 -35.74 -14.61
CA ALA A 90 -6.72 -36.62 -14.72
C ALA A 90 -7.00 -37.82 -15.57
N THR A 91 -8.28 -38.06 -15.86
CA THR A 91 -8.66 -39.15 -16.72
C THR A 91 -8.63 -38.77 -18.22
N SER A 92 -8.36 -37.50 -18.53
CA SER A 92 -8.33 -37.12 -19.95
C SER A 92 -7.22 -37.90 -20.68
N ALA A 93 -7.48 -38.23 -21.92
CA ALA A 93 -6.44 -38.98 -22.64
C ALA A 93 -5.11 -38.22 -22.66
N ASN A 94 -5.20 -36.91 -22.80
CA ASN A 94 -4.02 -36.08 -23.01
C ASN A 94 -3.84 -35.01 -21.98
N LEU A 95 -2.59 -34.66 -21.72
CA LEU A 95 -2.33 -33.40 -21.04
C LEU A 95 -2.02 -32.38 -22.14
N ILE A 96 -1.96 -31.11 -21.73
CA ILE A 96 -1.58 -30.05 -22.70
C ILE A 96 -0.19 -29.54 -22.40
N GLU A 97 0.67 -29.53 -23.41
CA GLU A 97 2.06 -29.15 -23.16
C GLU A 97 2.09 -27.64 -22.89
N SER A 98 2.87 -27.23 -21.89
N SER A 98 2.82 -27.21 -21.86
CA SER A 98 2.77 -25.90 -21.32
CA SER A 98 2.67 -25.84 -21.34
C SER A 98 3.14 -24.75 -22.26
C SER A 98 3.12 -24.73 -22.30
N LYS A 99 4.23 -24.93 -23.00
CA LYS A 99 4.66 -23.90 -23.97
C LYS A 99 3.57 -23.72 -25.03
N SER A 100 3.04 -24.83 -25.53
CA SER A 100 1.98 -24.76 -26.54
C SER A 100 0.76 -24.03 -25.99
N PHE A 101 0.44 -24.26 -24.72
CA PHE A 101 -0.70 -23.60 -24.09
C PHE A 101 -0.45 -22.07 -24.03
N LYS A 102 0.75 -21.68 -23.66
CA LYS A 102 1.09 -20.28 -23.66
C LYS A 102 0.97 -19.65 -25.05
N LEU A 103 1.49 -20.32 -26.07
CA LEU A 103 1.46 -19.75 -27.42
C LEU A 103 0.00 -19.67 -27.91
N TYR A 104 -0.81 -20.68 -27.59
CA TYR A 104 -2.22 -20.65 -27.91
C TYR A 104 -2.89 -19.45 -27.27
N LEU A 105 -2.64 -19.23 -25.98
CA LEU A 105 -3.25 -18.07 -25.33
C LEU A 105 -2.75 -16.74 -25.94
N ASN A 106 -1.46 -16.65 -26.26
CA ASN A 106 -0.98 -15.43 -26.91
C ASN A 106 -1.71 -15.15 -28.23
N SER A 107 -2.18 -16.21 -28.89
CA SER A 107 -2.88 -15.99 -30.17
C SER A 107 -4.18 -15.21 -29.98
N TYR A 108 -4.69 -15.13 -28.75
CA TYR A 108 -5.89 -14.34 -28.48
C TYR A 108 -5.55 -12.87 -28.42
N ASN A 109 -4.27 -12.51 -28.19
CA ASN A 109 -3.99 -11.12 -27.73
C ASN A 109 -4.39 -10.05 -28.74
N GLN A 110 -4.26 -10.34 -30.02
CA GLN A 110 -4.57 -9.34 -31.04
C GLN A 110 -5.83 -9.73 -31.80
N THR A 111 -6.61 -10.66 -31.25
CA THR A 111 -7.84 -11.10 -31.90
C THR A 111 -9.03 -10.44 -31.26
N ARG A 112 -9.93 -9.92 -32.11
CA ARG A 112 -11.19 -9.41 -31.61
C ARG A 112 -12.26 -10.47 -31.38
N PHE A 113 -12.84 -10.43 -30.19
CA PHE A 113 -13.95 -11.32 -29.84
C PHE A 113 -15.15 -10.47 -29.39
N ALA A 114 -16.35 -10.95 -29.72
CA ALA A 114 -17.56 -10.19 -29.47
C ALA A 114 -17.89 -10.05 -27.99
N SER A 115 -17.46 -11.00 -27.16
CA SER A 115 -17.87 -10.97 -25.78
C SER A 115 -16.95 -11.82 -24.96
N TRP A 116 -17.00 -11.63 -23.65
CA TRP A 116 -16.25 -12.47 -22.72
C TRP A 116 -16.77 -13.89 -22.75
N ASP A 117 -18.08 -14.05 -22.93
N ASP A 117 -18.09 -14.03 -22.93
CA ASP A 117 -18.65 -15.38 -22.98
CA ASP A 117 -18.68 -15.35 -23.02
C ASP A 117 -18.11 -16.15 -24.19
C ASP A 117 -18.03 -16.13 -24.15
N GLU A 118 -17.85 -15.46 -25.31
CA GLU A 118 -17.27 -16.13 -26.49
C GLU A 118 -15.87 -16.65 -26.18
N VAL A 119 -15.07 -15.85 -25.49
CA VAL A 119 -13.72 -16.25 -25.12
C VAL A 119 -13.75 -17.49 -24.21
N GLN A 120 -14.61 -17.45 -23.19
N GLN A 120 -14.59 -17.47 -23.18
CA GLN A 120 -14.74 -18.60 -22.29
CA GLN A 120 -14.66 -18.63 -22.31
C GLN A 120 -15.18 -19.86 -23.04
C GLN A 120 -15.17 -19.88 -23.04
N THR A 121 -16.13 -19.68 -23.94
CA THR A 121 -16.65 -20.78 -24.75
C THR A 121 -15.62 -21.44 -25.66
N ARG A 122 -14.82 -20.61 -26.33
CA ARG A 122 -13.76 -21.13 -27.18
C ARG A 122 -12.67 -21.80 -26.36
N LEU A 123 -12.31 -21.21 -25.20
CA LEU A 123 -11.34 -21.90 -24.34
C LEU A 123 -11.84 -23.29 -23.96
N VAL A 124 -13.09 -23.40 -23.51
CA VAL A 124 -13.60 -24.74 -23.19
C VAL A 124 -13.52 -25.67 -24.38
N HIS A 125 -13.99 -25.20 -25.53
CA HIS A 125 -14.03 -26.06 -26.70
C HIS A 125 -12.63 -26.54 -27.10
N ASP A 126 -11.67 -25.60 -27.20
CA ASP A 126 -10.37 -25.95 -27.71
C ASP A 126 -9.56 -26.80 -26.73
N LEU A 127 -9.61 -26.40 -25.46
CA LEU A 127 -8.85 -27.16 -24.47
C LEU A 127 -9.47 -28.55 -24.23
N SER A 128 -10.81 -28.66 -24.30
CA SER A 128 -11.42 -29.97 -24.17
C SER A 128 -11.07 -30.86 -25.37
N ALA A 129 -11.06 -30.28 -26.58
CA ALA A 129 -10.71 -31.09 -27.74
C ALA A 129 -9.27 -31.59 -27.61
N CYS A 130 -8.39 -30.73 -27.12
CA CYS A 130 -6.99 -31.09 -26.97
C CYS A 130 -6.83 -32.20 -25.92
N ALA A 131 -7.45 -32.01 -24.77
CA ALA A 131 -7.26 -32.93 -23.66
C ALA A 131 -7.98 -34.23 -23.92
N GLY A 132 -9.05 -34.19 -24.70
CA GLY A 132 -9.82 -35.38 -24.97
C GLY A 132 -10.97 -35.63 -24.03
N GLU A 133 -11.18 -34.68 -23.12
CA GLU A 133 -12.25 -34.82 -22.14
C GLU A 133 -12.68 -33.38 -21.81
N THR A 134 -13.94 -33.20 -21.42
CA THR A 134 -14.39 -31.86 -21.07
C THR A 134 -13.56 -31.20 -19.95
N VAL A 135 -13.09 -29.99 -20.24
CA VAL A 135 -12.35 -29.21 -19.25
C VAL A 135 -13.27 -28.10 -18.76
N THR A 136 -13.06 -27.66 -17.53
N THR A 136 -12.97 -27.62 -17.55
CA THR A 136 -13.78 -26.47 -17.08
CA THR A 136 -13.69 -26.48 -16.95
C THR A 136 -12.87 -25.26 -17.16
C THR A 136 -12.86 -25.22 -17.03
N VAL A 137 -13.48 -24.11 -17.44
CA VAL A 137 -12.75 -22.85 -17.60
C VAL A 137 -13.56 -21.75 -16.99
N ASN A 138 -12.91 -20.96 -16.12
N ASN A 138 -12.95 -20.99 -16.10
CA ASN A 138 -13.47 -19.73 -15.52
CA ASN A 138 -13.55 -19.76 -15.63
C ASN A 138 -12.69 -18.51 -15.91
C ASN A 138 -12.68 -18.61 -16.14
N VAL A 139 -13.31 -17.58 -16.66
CA VAL A 139 -12.61 -16.38 -17.09
C VAL A 139 -13.08 -15.27 -16.16
N LYS A 140 -12.17 -14.78 -15.33
CA LYS A 140 -12.51 -13.87 -14.26
C LYS A 140 -11.92 -12.47 -14.52
N SER A 141 -12.71 -11.42 -14.26
CA SER A 141 -12.16 -10.08 -14.32
C SER A 141 -11.15 -9.86 -13.18
N LEU A 142 -10.22 -8.93 -13.40
CA LEU A 142 -9.16 -8.73 -12.42
C LEU A 142 -9.74 -8.29 -11.06
N ASN A 143 -10.87 -7.59 -11.09
N ASN A 143 -10.87 -7.57 -11.07
CA ASN A 143 -11.45 -7.15 -9.85
CA ASN A 143 -11.41 -7.13 -9.79
C ASN A 143 -11.84 -8.28 -8.90
C ASN A 143 -11.87 -8.28 -8.88
N GLU A 144 -12.02 -9.48 -9.45
CA GLU A 144 -12.45 -10.62 -8.65
C GLU A 144 -11.34 -11.05 -7.76
N TYR A 145 -10.16 -10.52 -8.02
CA TYR A 145 -9.00 -10.93 -7.22
C TYR A 145 -8.62 -9.96 -6.14
N THR A 146 -9.21 -8.76 -6.17
CA THR A 146 -8.87 -7.81 -5.11
C THR A 146 -9.15 -8.38 -3.73
N ALA A 147 -8.14 -8.32 -2.86
CA ALA A 147 -8.21 -8.83 -1.48
C ALA A 147 -8.14 -10.34 -1.31
N GLU A 148 -8.01 -11.05 -2.43
CA GLU A 148 -7.84 -12.52 -2.37
C GLU A 148 -6.50 -12.77 -1.73
N PRO A 149 -6.40 -13.85 -0.95
CA PRO A 149 -5.20 -14.04 -0.12
C PRO A 149 -4.13 -14.89 -0.85
N ILE A 150 -2.90 -14.61 -0.46
CA ILE A 150 -1.85 -15.57 -0.72
C ILE A 150 -1.94 -16.65 0.42
N VAL A 151 -1.86 -17.93 0.02
CA VAL A 151 -2.04 -19.02 1.01
C VAL A 151 -0.82 -19.90 1.08
N THR A 152 -0.70 -20.59 2.23
CA THR A 152 0.27 -21.69 2.31
C THR A 152 -0.49 -23.02 2.18
N GLN A 154 -1.65 -27.00 3.74
CA GLN A 154 -2.12 -27.57 5.01
C GLN A 154 -1.06 -28.38 5.70
N GLY A 155 -1.25 -28.54 7.00
CA GLY A 155 -0.39 -29.41 7.77
C GLY A 155 0.97 -28.85 8.11
N GLU A 156 1.89 -29.76 8.36
CA GLU A 156 3.21 -29.44 8.84
C GLU A 156 4.20 -29.34 7.70
N CYS A 157 4.94 -28.24 7.65
CA CYS A 157 6.05 -28.14 6.68
C CYS A 157 7.19 -29.01 7.19
N ILE A 158 7.79 -29.81 6.28
CA ILE A 158 8.85 -30.73 6.69
C ILE A 158 10.22 -30.18 6.32
N ASP A 159 10.28 -28.91 5.92
CA ASP A 159 11.55 -28.44 5.34
C ASP A 159 12.65 -28.05 6.31
N ASP A 160 12.30 -27.79 7.55
CA ASP A 160 13.23 -27.27 8.49
C ASP A 160 13.86 -28.42 9.25
N GLN A 161 14.71 -29.14 8.56
CA GLN A 161 15.41 -30.26 9.16
C GLN A 161 16.87 -29.99 9.23
N ASP A 162 17.50 -30.62 10.21
CA ASP A 162 18.95 -30.55 10.33
C ASP A 162 19.52 -31.83 9.78
N ILE A 163 19.59 -31.86 8.45
CA ILE A 163 20.19 -32.95 7.70
C ILE A 163 21.11 -32.37 6.63
N GLU A 164 22.06 -33.17 6.20
CA GLU A 164 22.89 -32.83 5.04
C GLU A 164 22.44 -33.56 3.79
N ILE A 165 22.27 -32.80 2.72
CA ILE A 165 22.07 -33.38 1.40
C ILE A 165 23.26 -32.97 0.52
N ALA A 166 23.81 -33.93 -0.20
CA ALA A 166 24.91 -33.67 -1.13
C ALA A 166 24.71 -34.34 -2.50
N ASN A 167 23.87 -35.36 -2.55
CA ASN A 167 23.70 -36.11 -3.79
C ASN A 167 22.28 -35.90 -4.21
N TYR A 168 22.07 -35.13 -5.28
CA TYR A 168 20.72 -34.74 -5.70
C TYR A 168 20.11 -35.69 -6.76
N GLU A 169 20.79 -36.81 -7.04
N GLU A 169 20.78 -36.81 -7.07
CA GLU A 169 20.31 -37.83 -7.99
CA GLU A 169 20.28 -37.78 -8.06
C GLU A 169 18.91 -38.34 -7.58
C GLU A 169 18.97 -38.45 -7.61
N PHE A 170 18.04 -38.63 -8.55
CA PHE A 170 16.72 -39.17 -8.21
C PHE A 170 16.86 -40.56 -7.61
N ASP A 171 16.11 -40.85 -6.55
CA ASP A 171 16.28 -42.12 -5.86
C ASP A 171 15.00 -42.51 -5.16
N ASP A 172 14.16 -43.28 -5.83
CA ASP A 172 12.89 -43.64 -5.20
C ASP A 172 13.14 -44.55 -4.01
N ALA A 173 14.31 -45.18 -4.00
CA ALA A 173 14.60 -46.15 -2.93
C ALA A 173 14.80 -45.40 -1.60
N LEU A 174 14.89 -44.08 -1.65
CA LEU A 174 14.93 -43.32 -0.39
C LEU A 174 13.67 -43.59 0.44
N LEU A 175 12.59 -44.05 -0.20
CA LEU A 175 11.35 -44.31 0.54
C LEU A 175 11.28 -45.74 1.10
N GLN A 176 12.31 -46.55 0.85
CA GLN A 176 12.30 -47.92 1.34
C GLN A 176 12.18 -47.93 2.85
N GLY A 177 11.14 -48.59 3.35
CA GLY A 177 10.95 -48.66 4.79
C GLY A 177 10.65 -47.33 5.46
N ALA A 178 10.24 -46.31 4.69
CA ALA A 178 9.97 -44.99 5.26
C ALA A 178 8.73 -44.94 6.16
N ALA A 179 7.83 -45.92 6.08
CA ALA A 179 6.58 -45.80 6.80
C ALA A 179 6.48 -46.94 7.77
N GLN A 180 6.98 -46.70 8.98
CA GLN A 180 7.02 -47.75 9.99
C GLN A 180 6.37 -47.35 11.28
N GLY A 181 5.90 -46.12 11.31
CA GLY A 181 5.30 -45.52 12.48
C GLY A 181 3.93 -46.12 12.74
N GLU A 182 3.31 -45.72 13.85
CA GLU A 182 1.96 -46.19 14.15
C GLU A 182 1.05 -45.54 13.13
N GLU A 183 -0.13 -46.12 13.01
N GLU A 183 -0.14 -46.10 13.02
CA GLU A 183 -1.18 -45.63 12.15
CA GLU A 183 -1.13 -45.62 12.07
C GLU A 183 -1.59 -44.22 12.52
C GLU A 183 -1.62 -44.25 12.48
N VAL A 184 -1.53 -43.30 11.56
CA VAL A 184 -1.94 -41.92 11.81
C VAL A 184 -2.61 -41.33 10.58
N SER A 185 -3.34 -40.25 10.77
CA SER A 185 -3.68 -39.36 9.69
C SER A 185 -2.85 -38.11 9.83
N GLU A 186 -2.17 -37.74 8.78
CA GLU A 186 -1.54 -36.42 8.79
C GLU A 186 -1.44 -35.80 7.46
N VAL A 187 -1.13 -34.50 7.49
CA VAL A 187 -0.84 -33.76 6.28
C VAL A 187 0.55 -33.12 6.42
N LEU A 188 1.38 -33.32 5.40
CA LEU A 188 2.73 -32.81 5.37
C LEU A 188 2.94 -31.96 4.10
N HIS A 189 3.81 -30.95 4.17
CA HIS A 189 4.11 -30.26 2.93
C HIS A 189 5.56 -29.84 2.87
N SER A 190 6.02 -29.57 1.63
CA SER A 190 7.40 -29.09 1.40
C SER A 190 7.33 -28.03 0.31
N HIS A 191 8.19 -27.04 0.44
CA HIS A 191 8.34 -26.01 -0.63
C HIS A 191 9.55 -26.29 -1.50
N LEU A 192 10.17 -27.46 -1.36
CA LEU A 192 11.47 -27.72 -1.99
C LEU A 192 11.47 -28.52 -3.23
N LEU A 193 10.30 -28.70 -3.89
N LEU A 193 10.32 -28.66 -3.85
CA LEU A 193 10.33 -29.27 -5.23
CA LEU A 193 10.28 -29.37 -5.08
C LEU A 193 10.98 -28.41 -6.26
C LEU A 193 10.85 -28.53 -6.26
N LYS A 194 11.87 -29.03 -6.98
CA LYS A 194 12.49 -28.39 -8.09
C LYS A 194 12.74 -29.49 -9.09
N SER A 195 12.37 -29.26 -10.32
CA SER A 195 12.53 -30.30 -11.32
C SER A 195 13.22 -29.59 -12.43
N ASN A 196 14.40 -30.08 -12.81
CA ASN A 196 15.09 -29.55 -13.97
C ASN A 196 14.28 -29.63 -15.26
N GLN A 202 16.00 -25.11 -17.88
CA GLN A 202 15.62 -24.07 -16.95
C GLN A 202 14.78 -24.62 -15.80
N PRO A 203 15.05 -24.15 -14.57
CA PRO A 203 14.37 -24.82 -13.48
C PRO A 203 12.89 -24.48 -13.34
N ASP A 204 12.11 -25.46 -12.93
CA ASP A 204 10.74 -25.28 -12.43
C ASP A 204 10.67 -25.56 -10.94
N TRP A 205 9.70 -24.92 -10.27
CA TRP A 205 9.66 -24.84 -8.81
C TRP A 205 8.27 -25.15 -8.32
N GLY A 206 8.18 -25.89 -7.24
CA GLY A 206 6.86 -26.16 -6.66
C GLY A 206 6.88 -26.47 -5.18
N SER A 207 5.69 -26.40 -4.61
CA SER A 207 5.42 -26.89 -3.26
C SER A 207 4.46 -28.04 -3.38
N VAL A 208 4.50 -28.96 -2.40
CA VAL A 208 3.74 -30.19 -2.54
C VAL A 208 3.17 -30.60 -1.18
N GLU A 209 1.90 -30.97 -1.19
CA GLU A 209 1.11 -31.27 0.00
C GLU A 209 0.73 -32.77 -0.09
N ILE A 210 1.09 -33.52 0.95
CA ILE A 210 0.85 -34.93 1.00
C ILE A 210 -0.01 -35.27 2.21
N ALA A 211 -1.24 -35.74 1.95
CA ALA A 211 -2.16 -36.06 3.06
C ALA A 211 -2.36 -37.55 3.01
N TYR A 212 -2.27 -38.22 4.16
CA TYR A 212 -2.42 -39.67 4.10
C TYR A 212 -2.93 -40.22 5.40
N HIS A 213 -3.43 -41.44 5.35
CA HIS A 213 -3.70 -42.25 6.53
C HIS A 213 -2.95 -43.57 6.37
N GLY A 214 -2.05 -43.89 7.30
CA GLY A 214 -1.26 -45.12 7.18
C GLY A 214 -0.18 -45.07 8.24
N ALA A 215 0.76 -46.00 8.17
CA ALA A 215 1.92 -45.96 9.06
C ALA A 215 2.64 -44.62 8.89
N LYS A 216 3.03 -44.02 10.03
CA LYS A 216 3.66 -42.71 10.01
C LYS A 216 4.95 -42.67 9.18
N ASN A 218 8.55 -41.37 7.75
CA ASN A 218 9.78 -40.76 8.20
C ASN A 218 10.02 -39.46 7.41
N ARG A 219 10.05 -38.34 8.12
CA ARG A 219 10.11 -37.05 7.42
C ARG A 219 11.46 -36.81 6.74
N GLU A 220 12.54 -37.36 7.31
CA GLU A 220 13.85 -37.22 6.64
C GLU A 220 13.87 -37.96 5.29
N ALA A 221 13.41 -39.21 5.29
CA ALA A 221 13.33 -39.98 4.04
C ALA A 221 12.47 -39.25 3.00
N LEU A 222 11.32 -38.76 3.46
CA LEU A 222 10.41 -38.07 2.54
C LEU A 222 11.03 -36.80 1.96
N LEU A 223 11.70 -36.00 2.82
CA LEU A 223 12.33 -34.79 2.28
C LEU A 223 13.48 -35.13 1.33
N ARG A 224 14.34 -36.10 1.67
CA ARG A 224 15.41 -36.48 0.76
C ARG A 224 14.83 -36.93 -0.58
N TYR A 225 13.74 -37.69 -0.54
CA TYR A 225 13.13 -38.20 -1.78
C TYR A 225 12.63 -37.04 -2.62
N LEU A 226 11.95 -36.07 -2.00
CA LEU A 226 11.44 -34.94 -2.78
C LEU A 226 12.56 -34.09 -3.36
N VAL A 227 13.61 -33.88 -2.55
CA VAL A 227 14.75 -33.10 -3.03
C VAL A 227 15.41 -33.82 -4.21
N SER A 228 15.32 -35.15 -4.24
CA SER A 228 16.00 -35.89 -5.33
C SER A 228 15.35 -35.70 -6.71
N PHE A 229 14.21 -35.03 -6.79
CA PHE A 229 13.63 -34.68 -8.09
C PHE A 229 14.42 -33.60 -8.84
N ARG A 230 15.34 -32.98 -8.11
N ARG A 230 15.33 -32.98 -8.09
CA ARG A 230 16.20 -31.90 -8.59
CA ARG A 230 16.01 -31.73 -8.42
C ARG A 230 16.84 -32.24 -9.92
C ARG A 230 16.58 -31.70 -9.80
N GLU A 231 17.37 -33.43 -10.02
N GLU A 231 17.66 -32.45 -9.96
CA GLU A 231 17.91 -33.84 -11.30
CA GLU A 231 18.25 -32.73 -11.23
C GLU A 231 17.18 -35.07 -11.78
C GLU A 231 17.51 -34.01 -11.57
N HIS A 232 15.93 -34.84 -12.17
N HIS A 232 16.82 -33.98 -12.71
CA HIS A 232 15.05 -35.78 -12.82
CA HIS A 232 15.88 -34.98 -13.16
C HIS A 232 14.51 -34.97 -13.96
C HIS A 232 14.74 -34.37 -13.95
N ASN A 233 14.02 -35.59 -15.01
N ASN A 233 14.33 -34.99 -15.03
CA ASN A 233 13.39 -34.84 -16.11
CA ASN A 233 13.37 -34.39 -15.95
C ASN A 233 12.01 -35.38 -16.49
C ASN A 233 12.03 -35.15 -16.00
N GLU A 234 10.97 -34.60 -16.21
N GLU A 234 10.92 -34.42 -15.90
CA GLU A 234 9.60 -34.97 -16.58
CA GLU A 234 9.57 -34.99 -16.09
C GLU A 234 8.62 -33.86 -16.22
C GLU A 234 8.52 -33.86 -16.04
N PHE A 235 7.42 -33.97 -16.78
CA PHE A 235 6.40 -32.92 -16.63
C PHE A 235 5.89 -32.78 -15.18
N HIS A 236 5.28 -31.65 -14.83
CA HIS A 236 4.84 -31.45 -13.44
C HIS A 236 3.80 -32.48 -13.07
N GLU A 237 2.91 -32.76 -14.01
CA GLU A 237 1.85 -33.76 -13.74
C GLU A 237 2.51 -35.12 -13.52
N GLN A 238 3.54 -35.37 -14.32
CA GLN A 238 4.29 -36.62 -14.15
C GLN A 238 4.97 -36.78 -12.81
N CYS A 239 5.56 -35.70 -12.29
N CYS A 239 5.53 -35.69 -12.28
CA CYS A 239 6.18 -35.76 -10.97
CA CYS A 239 6.17 -35.75 -10.97
C CYS A 239 5.14 -36.09 -9.88
C CYS A 239 5.16 -36.06 -9.86
N VAL A 240 3.99 -35.43 -9.90
CA VAL A 240 2.96 -35.71 -8.91
C VAL A 240 2.51 -37.18 -8.99
N GLU A 241 2.36 -37.71 -10.22
CA GLU A 241 1.93 -39.12 -10.32
C GLU A 241 3.03 -40.07 -9.83
N ARG A 242 4.29 -39.73 -10.09
N ARG A 242 4.29 -39.72 -10.09
CA ARG A 242 5.41 -40.54 -9.60
CA ARG A 242 5.44 -40.48 -9.59
C ARG A 242 5.48 -40.50 -8.07
C ARG A 242 5.43 -40.49 -8.08
N ILE A 243 5.23 -39.31 -7.47
CA ILE A 243 5.30 -39.19 -6.01
C ILE A 243 4.18 -40.05 -5.41
N PHE A 244 2.98 -39.93 -5.97
CA PHE A 244 1.85 -40.73 -5.51
C PHE A 244 2.16 -42.23 -5.62
N THR A 245 2.59 -42.68 -6.79
CA THR A 245 2.75 -44.14 -7.01
C THR A 245 3.91 -44.66 -6.14
N ASP A 246 4.96 -43.86 -5.97
CA ASP A 246 6.08 -44.29 -5.11
C ASP A 246 5.67 -44.35 -3.64
N ILE A 247 4.97 -43.34 -3.14
CA ILE A 247 4.48 -43.42 -1.77
C ILE A 247 3.56 -44.62 -1.60
N ARG A 249 3.50 -47.47 -3.20
CA ARG A 249 4.24 -48.73 -3.20
C ARG A 249 5.22 -48.95 -2.03
N TYR A 250 5.87 -47.91 -1.57
CA TYR A 250 6.84 -48.03 -0.49
C TYR A 250 6.20 -47.89 0.91
N CYS A 251 5.12 -47.11 1.01
CA CYS A 251 4.56 -46.76 2.33
C CYS A 251 3.17 -47.36 2.59
N GLN A 252 2.51 -47.76 1.51
CA GLN A 252 1.21 -48.45 1.61
C GLN A 252 0.17 -47.81 2.53
N PRO A 253 -0.07 -46.50 2.40
CA PRO A 253 -1.13 -45.89 3.19
C PRO A 253 -2.50 -46.40 2.74
N GLN A 254 -3.49 -46.35 3.62
CA GLN A 254 -4.86 -46.74 3.28
C GLN A 254 -5.45 -45.71 2.35
N SER A 255 -5.08 -44.43 2.52
CA SER A 255 -5.59 -43.35 1.66
C SER A 255 -4.49 -42.34 1.48
N LEU A 256 -4.50 -41.62 0.36
CA LEU A 256 -3.37 -40.74 0.00
C LEU A 256 -3.81 -39.68 -0.96
N THR A 257 -3.37 -38.45 -0.71
CA THR A 257 -3.51 -37.37 -1.70
C THR A 257 -2.18 -36.71 -1.87
N VAL A 258 -1.78 -36.51 -3.13
CA VAL A 258 -0.55 -35.73 -3.42
C VAL A 258 -0.92 -34.58 -4.32
N TYR A 259 -0.59 -33.37 -3.90
CA TYR A 259 -1.07 -32.14 -4.61
C TYR A 259 0.10 -31.20 -4.68
N ALA A 260 0.57 -30.87 -5.87
CA ALA A 260 1.65 -29.89 -6.01
C ALA A 260 1.11 -28.64 -6.69
N ARG A 261 1.73 -27.53 -6.29
CA ARG A 261 1.44 -26.21 -6.88
C ARG A 261 2.75 -25.59 -7.38
N TYR A 262 2.87 -25.49 -8.72
CA TYR A 262 4.12 -25.07 -9.30
C TYR A 262 4.04 -23.58 -9.65
N THR A 263 5.19 -22.93 -9.57
N THR A 263 5.20 -22.97 -9.61
CA THR A 263 5.22 -21.54 -10.03
CA THR A 263 5.33 -21.59 -10.02
C THR A 263 5.06 -21.46 -11.53
C THR A 263 5.12 -21.45 -11.53
N ARG A 264 4.49 -20.36 -11.97
CA ARG A 264 4.22 -20.23 -13.42
C ARG A 264 5.48 -20.24 -14.28
N ARG A 265 5.29 -20.72 -15.50
N ARG A 265 5.31 -20.72 -15.50
CA ARG A 265 6.28 -20.53 -16.55
CA ARG A 265 6.33 -20.61 -16.54
C ARG A 265 5.51 -19.99 -17.70
C ARG A 265 5.59 -20.07 -17.74
N GLY A 266 6.03 -18.92 -18.26
CA GLY A 266 5.37 -18.34 -19.41
C GLY A 266 3.94 -17.86 -19.11
N GLY A 267 3.71 -17.44 -17.88
CA GLY A 267 2.47 -16.71 -17.56
C GLY A 267 1.36 -17.63 -17.07
N LEU A 268 1.63 -18.94 -17.03
CA LEU A 268 0.62 -19.86 -16.54
C LEU A 268 1.21 -20.93 -15.64
N ASP A 269 0.42 -21.31 -14.66
CA ASP A 269 0.92 -22.35 -13.75
C ASP A 269 0.07 -23.61 -13.79
N ILE A 270 0.64 -24.69 -13.29
N ILE A 270 0.65 -24.68 -13.27
CA ILE A 270 -0.09 -25.94 -13.22
CA ILE A 270 0.05 -26.01 -13.22
C ILE A 270 -0.01 -26.53 -11.82
C ILE A 270 -0.01 -26.48 -11.75
N ASN A 271 -1.14 -27.10 -11.38
CA ASN A 271 -1.32 -27.55 -10.01
C ASN A 271 -1.97 -28.95 -10.01
N PRO A 272 -1.14 -30.00 -10.21
CA PRO A 272 -1.72 -31.36 -10.35
C PRO A 272 -2.11 -31.95 -9.02
N PHE A 273 -3.32 -32.47 -8.97
CA PHE A 273 -3.89 -33.10 -7.74
C PHE A 273 -4.19 -34.55 -8.07
N ARG A 274 -3.67 -35.45 -7.24
CA ARG A 274 -3.94 -36.89 -7.41
C ARG A 274 -4.26 -37.52 -6.08
N SER A 275 -5.31 -38.36 -6.06
CA SER A 275 -5.77 -38.88 -4.79
C SER A 275 -6.35 -40.27 -4.96
N SER A 276 -6.29 -41.07 -3.90
CA SER A 276 -6.95 -42.36 -3.90
C SER A 276 -8.44 -42.19 -3.71
N HIS A 277 -8.86 -41.07 -3.13
CA HIS A 277 -10.27 -40.90 -2.73
C HIS A 277 -10.91 -39.51 -2.99
N GLN A 278 -10.11 -38.45 -3.13
CA GLN A 278 -10.68 -37.10 -3.32
C GLN A 278 -10.57 -36.70 -4.80
N SER A 279 -11.44 -35.81 -5.28
CA SER A 279 -11.42 -35.42 -6.70
C SER A 279 -10.63 -34.14 -7.02
N ALA A 280 -10.49 -33.24 -6.07
CA ALA A 280 -10.00 -31.89 -6.37
C ALA A 280 -9.68 -31.20 -5.10
N PRO A 281 -8.78 -30.19 -5.12
CA PRO A 281 -8.64 -29.34 -3.95
C PRO A 281 -9.86 -28.43 -3.80
N ASN A 282 -10.02 -27.77 -2.65
CA ASN A 282 -11.22 -26.95 -2.42
C ASN A 282 -11.22 -25.59 -3.11
N HIS A 283 -10.05 -25.12 -3.52
CA HIS A 283 -9.97 -23.79 -4.15
C HIS A 283 -8.68 -23.81 -4.94
N ASN A 284 -8.46 -22.73 -5.71
CA ASN A 284 -7.21 -22.54 -6.43
C ASN A 284 -6.55 -21.23 -5.94
N GLN A 285 -6.44 -21.04 -4.63
CA GLN A 285 -5.79 -19.82 -4.13
C GLN A 285 -4.26 -19.94 -4.33
N ARG A 286 -3.63 -18.84 -4.75
CA ARG A 286 -2.22 -18.89 -5.05
C ARG A 286 -1.32 -18.90 -3.82
N ALA A 288 2.78 -18.20 -2.22
CA ALA A 288 3.62 -17.00 -2.20
C ALA A 288 4.47 -16.85 -3.46
N ARG A 289 5.00 -17.94 -3.98
CA ARG A 289 5.85 -17.85 -5.19
C ARG A 289 5.11 -17.89 -6.48
N GLN A 290 3.84 -18.28 -6.43
CA GLN A 290 3.04 -18.39 -7.64
C GLN A 290 2.65 -16.96 -8.09
N ASN B 32 26.41 -23.72 -13.38
N ASN B 32 26.35 -23.78 -13.24
CA ASN B 32 26.48 -24.64 -12.24
CA ASN B 32 26.48 -24.69 -12.14
C ASN B 32 26.59 -23.92 -10.89
C ASN B 32 26.60 -23.92 -10.83
N GLN B 33 27.73 -23.30 -10.59
CA GLN B 33 27.85 -22.57 -9.33
C GLN B 33 27.70 -21.04 -9.52
N TYR B 34 27.54 -20.42 -8.36
CA TYR B 34 27.36 -18.97 -8.27
C TYR B 34 28.32 -18.20 -9.17
N ASP B 35 27.75 -17.30 -9.96
CA ASP B 35 28.53 -16.63 -11.02
C ASP B 35 28.02 -15.21 -11.28
N PRO B 36 28.62 -14.22 -10.62
CA PRO B 36 28.22 -12.81 -10.82
C PRO B 36 28.47 -12.31 -12.25
N SER B 37 29.32 -12.97 -13.03
CA SER B 37 29.59 -12.52 -14.39
C SER B 37 28.38 -12.67 -15.32
N LEU B 38 27.37 -13.40 -14.88
CA LEU B 38 26.16 -13.56 -15.69
C LEU B 38 25.36 -12.29 -15.84
N LEU B 39 25.45 -11.39 -14.85
CA LEU B 39 24.71 -10.12 -14.86
C LEU B 39 25.19 -9.24 -16.03
N GLN B 40 24.22 -8.68 -16.75
N GLN B 40 24.22 -8.76 -16.81
CA GLN B 40 24.54 -7.79 -17.86
CA GLN B 40 24.48 -7.83 -17.92
C GLN B 40 23.82 -6.46 -17.69
C GLN B 40 23.84 -6.49 -17.53
N PRO B 41 24.62 -5.42 -17.53
CA PRO B 41 24.05 -4.06 -17.43
C PRO B 41 23.65 -3.56 -18.82
N VAL B 42 22.63 -2.69 -18.82
CA VAL B 42 22.25 -1.91 -19.97
C VAL B 42 22.21 -0.45 -19.48
N PRO B 43 22.90 0.43 -20.20
CA PRO B 43 22.95 1.80 -19.70
C PRO B 43 21.60 2.53 -19.86
N ARG B 44 21.19 3.27 -18.83
CA ARG B 44 19.93 4.04 -18.87
C ARG B 44 20.03 5.14 -19.92
N SER B 45 21.27 5.52 -20.29
CA SER B 45 21.46 6.62 -21.21
C SER B 45 20.92 6.34 -22.61
N LEU B 46 20.82 5.08 -23.00
CA LEU B 46 20.44 4.76 -24.39
C LEU B 46 19.07 5.36 -24.66
N ASN B 47 18.11 5.00 -23.82
CA ASN B 47 16.76 5.48 -24.02
C ASN B 47 16.57 6.90 -23.56
N ARG B 48 17.30 7.32 -22.54
CA ARG B 48 17.15 8.69 -22.09
C ARG B 48 17.55 9.71 -23.16
N ASN B 49 18.61 9.38 -23.90
CA ASN B 49 19.03 10.23 -24.97
C ASN B 49 17.93 10.24 -26.03
N ASP B 50 17.28 9.09 -26.24
CA ASP B 50 16.19 9.04 -27.23
C ASP B 50 15.00 9.88 -26.78
N LEU B 51 14.84 10.04 -25.46
CA LEU B 51 13.76 10.90 -24.91
C LEU B 51 14.15 12.38 -24.85
N HIS B 52 15.36 12.67 -25.30
CA HIS B 52 15.89 14.04 -25.29
C HIS B 52 16.05 14.59 -23.86
N LEU B 53 16.41 13.71 -22.94
CA LEU B 53 16.69 14.09 -21.56
C LEU B 53 18.15 14.51 -21.42
N SER B 54 18.38 15.42 -20.47
CA SER B 54 19.74 15.84 -20.11
C SER B 54 20.24 14.89 -19.06
N ALA B 55 21.50 15.04 -18.66
CA ALA B 55 22.02 14.23 -17.58
C ALA B 55 21.24 14.57 -16.31
N THR B 56 20.71 15.80 -16.24
CA THR B 56 19.89 16.20 -15.09
C THR B 56 18.38 15.86 -15.19
N LEU B 57 18.00 14.78 -14.55
CA LEU B 57 16.74 14.11 -14.86
C LEU B 57 15.54 14.94 -14.40
N PRO B 58 14.42 14.84 -15.12
CA PRO B 58 13.21 15.52 -14.69
C PRO B 58 12.39 14.66 -13.74
N PHE B 59 12.94 13.54 -13.33
CA PHE B 59 12.25 12.68 -12.35
C PHE B 59 13.22 12.06 -11.38
N GLN B 60 12.69 11.52 -10.31
CA GLN B 60 13.49 10.67 -9.44
C GLN B 60 12.71 9.41 -9.30
N GLY B 61 13.30 8.41 -8.65
CA GLY B 61 12.55 7.20 -8.38
C GLY B 61 13.47 5.98 -8.39
N CYS B 62 12.91 4.83 -8.78
CA CYS B 62 13.59 3.54 -8.58
C CYS B 62 12.92 2.47 -9.40
N ASP B 63 13.60 1.34 -9.56
CA ASP B 63 12.98 0.17 -10.22
C ASP B 63 12.85 -0.87 -9.14
N ILE B 64 11.62 -1.27 -8.82
CA ILE B 64 11.42 -2.26 -7.76
C ILE B 64 11.26 -3.59 -8.44
N TRP B 65 12.06 -4.58 -8.04
CA TRP B 65 12.01 -5.92 -8.66
C TRP B 65 11.54 -6.92 -7.59
N THR B 66 10.74 -7.91 -8.06
CA THR B 66 10.38 -9.03 -7.19
C THR B 66 10.97 -10.28 -7.81
N LEU B 67 11.68 -11.03 -6.95
CA LEU B 67 12.40 -12.24 -7.37
C LEU B 67 11.64 -13.41 -6.78
N TYR B 68 10.76 -14.03 -7.58
CA TYR B 68 9.87 -15.04 -7.02
C TYR B 68 10.51 -16.43 -6.88
N GLU B 69 11.57 -16.59 -7.69
N GLU B 69 11.69 -16.63 -7.37
CA GLU B 69 12.36 -17.83 -7.93
CA GLU B 69 12.19 -18.00 -7.36
C GLU B 69 13.72 -17.93 -7.13
C GLU B 69 13.56 -18.17 -6.79
N LEU B 70 13.92 -17.20 -6.03
CA LEU B 70 15.21 -17.15 -5.36
C LEU B 70 15.38 -18.45 -4.52
N SER B 71 16.43 -19.20 -4.83
CA SER B 71 16.65 -20.46 -4.12
C SER B 71 18.13 -20.80 -4.17
N TRP B 72 18.62 -21.35 -3.06
CA TRP B 72 20.01 -21.67 -2.92
C TRP B 72 20.13 -22.84 -1.95
N LEU B 73 21.34 -23.31 -1.69
CA LEU B 73 21.47 -24.38 -0.69
C LEU B 73 22.02 -23.80 0.59
N ASN B 74 21.57 -24.31 1.75
CA ASN B 74 22.22 -23.89 2.98
C ASN B 74 23.61 -24.57 3.15
N GLN B 75 24.24 -24.37 4.30
N GLN B 75 24.24 -24.37 4.30
CA GLN B 75 25.61 -24.78 4.47
CA GLN B 75 25.63 -24.79 4.43
C GLN B 75 25.72 -26.31 4.44
C GLN B 75 25.75 -26.32 4.55
N LYS B 76 24.61 -26.97 4.75
CA LYS B 76 24.54 -28.46 4.74
C LYS B 76 23.83 -28.98 3.48
N GLY B 77 23.65 -28.11 2.48
CA GLY B 77 23.15 -28.58 1.19
C GLY B 77 21.62 -28.73 1.07
N LEU B 78 20.90 -28.29 2.07
CA LEU B 78 19.43 -28.39 2.02
C LEU B 78 18.86 -27.14 1.34
N PRO B 79 18.03 -27.34 0.32
CA PRO B 79 17.58 -26.17 -0.46
C PRO B 79 16.76 -25.21 0.45
N GLN B 80 16.94 -23.92 0.16
CA GLN B 80 16.26 -22.82 0.79
C GLN B 80 15.50 -22.08 -0.32
N VAL B 81 14.30 -21.58 0.03
CA VAL B 81 13.55 -20.78 -0.91
C VAL B 81 13.13 -19.48 -0.27
N ALA B 82 13.04 -18.42 -1.10
CA ALA B 82 12.68 -17.08 -0.57
C ALA B 82 12.17 -16.23 -1.72
N ILE B 83 11.54 -15.12 -1.35
CA ILE B 83 11.24 -14.08 -2.35
C ILE B 83 12.10 -12.91 -2.07
N GLY B 84 12.78 -12.45 -3.12
CA GLY B 84 13.64 -11.28 -3.01
C GLY B 84 12.89 -10.02 -3.42
N GLU B 85 13.10 -8.93 -2.68
CA GLU B 85 12.56 -7.60 -3.03
C GLU B 85 13.77 -6.71 -3.20
N VAL B 86 13.93 -6.16 -4.40
CA VAL B 86 15.12 -5.38 -4.76
C VAL B 86 14.66 -3.96 -5.19
N SER B 87 15.39 -2.93 -4.77
CA SER B 87 15.15 -1.62 -5.34
C SER B 87 16.44 -1.04 -5.92
N ILE B 88 16.37 -0.62 -7.19
CA ILE B 88 17.51 -0.07 -7.91
C ILE B 88 17.22 1.41 -8.14
N PRO B 89 18.12 2.29 -7.67
CA PRO B 89 17.79 3.72 -7.86
C PRO B 89 17.74 4.11 -9.32
N ALA B 90 16.82 5.00 -9.68
CA ALA B 90 16.71 5.48 -11.06
C ALA B 90 17.93 6.29 -11.48
N THR B 91 18.74 6.74 -10.51
CA THR B 91 20.00 7.48 -10.84
C THR B 91 21.15 6.53 -11.18
N SER B 92 20.94 5.21 -11.08
CA SER B 92 22.05 4.34 -11.37
C SER B 92 22.40 4.41 -12.86
N ALA B 93 23.67 4.25 -13.17
CA ALA B 93 24.06 4.33 -14.56
C ALA B 93 23.34 3.31 -15.41
N ASN B 94 23.17 2.11 -14.81
CA ASN B 94 22.64 0.99 -15.58
C ASN B 94 21.40 0.40 -15.00
N LEU B 95 20.55 -0.10 -15.88
CA LEU B 95 19.61 -1.09 -15.41
C LEU B 95 20.20 -2.48 -15.59
N ILE B 96 19.55 -3.49 -15.03
CA ILE B 96 20.05 -4.86 -15.17
C ILE B 96 19.14 -5.58 -16.14
N GLU B 97 19.73 -6.21 -17.15
CA GLU B 97 18.90 -6.88 -18.16
C GLU B 97 18.23 -8.11 -17.51
N SER B 98 16.93 -8.31 -17.73
CA SER B 98 16.15 -9.27 -16.91
C SER B 98 16.54 -10.74 -17.17
N LYS B 99 16.86 -11.12 -18.45
CA LYS B 99 17.23 -12.53 -18.66
C LYS B 99 18.53 -12.80 -17.94
N SER B 100 19.46 -11.88 -18.03
CA SER B 100 20.75 -12.08 -17.36
C SER B 100 20.55 -12.13 -15.81
N PHE B 101 19.59 -11.39 -15.30
CA PHE B 101 19.27 -11.39 -13.85
C PHE B 101 18.76 -12.77 -13.48
N LYS B 102 17.86 -13.31 -14.30
CA LYS B 102 17.38 -14.68 -14.09
C LYS B 102 18.54 -15.69 -14.06
N LEU B 103 19.39 -15.66 -15.08
CA LEU B 103 20.49 -16.66 -15.15
C LEU B 103 21.43 -16.52 -13.95
N TYR B 104 21.72 -15.28 -13.56
CA TYR B 104 22.50 -15.02 -12.36
C TYR B 104 21.83 -15.67 -11.12
N LEU B 105 20.54 -15.44 -10.95
CA LEU B 105 19.88 -16.04 -9.79
C LEU B 105 19.91 -17.57 -9.88
N ASN B 106 19.74 -18.12 -11.08
CA ASN B 106 19.81 -19.60 -11.23
C ASN B 106 21.15 -20.16 -10.72
N SER B 107 22.20 -19.35 -10.85
CA SER B 107 23.53 -19.80 -10.42
C SER B 107 23.63 -19.97 -8.91
N TYR B 108 22.66 -19.45 -8.16
CA TYR B 108 22.61 -19.71 -6.71
C TYR B 108 22.06 -21.09 -6.41
N ASN B 109 21.30 -21.66 -7.33
CA ASN B 109 20.40 -22.81 -6.98
C ASN B 109 21.15 -24.03 -6.44
N GLN B 110 22.33 -24.33 -6.97
CA GLN B 110 23.12 -25.49 -6.50
C GLN B 110 24.35 -25.05 -5.72
N THR B 111 24.31 -23.85 -5.15
CA THR B 111 25.48 -23.32 -4.40
C THR B 111 25.13 -23.22 -2.92
N ARG B 112 26.02 -23.78 -2.08
CA ARG B 112 25.83 -23.62 -0.63
C ARG B 112 26.28 -22.24 -0.16
N PHE B 113 25.41 -21.63 0.64
CA PHE B 113 25.75 -20.37 1.31
C PHE B 113 25.62 -20.53 2.81
N ALA B 114 26.48 -19.81 3.51
CA ALA B 114 26.53 -19.89 4.96
C ALA B 114 25.26 -19.60 5.74
N SER B 115 24.49 -18.63 5.27
CA SER B 115 23.27 -18.18 5.95
C SER B 115 22.50 -17.32 4.99
N TRP B 116 21.26 -17.00 5.37
CA TRP B 116 20.44 -16.07 4.56
C TRP B 116 21.11 -14.72 4.52
N ASP B 117 21.79 -14.34 5.60
CA ASP B 117 22.52 -13.06 5.56
C ASP B 117 23.59 -13.04 4.48
N GLU B 118 24.29 -14.16 4.28
CA GLU B 118 25.31 -14.20 3.22
C GLU B 118 24.65 -13.97 1.87
N VAL B 119 23.53 -14.63 1.62
CA VAL B 119 22.81 -14.47 0.33
C VAL B 119 22.44 -13.01 0.11
N GLN B 120 21.90 -12.37 1.13
N GLN B 120 21.90 -12.38 1.14
CA GLN B 120 21.51 -10.98 0.97
CA GLN B 120 21.55 -10.95 1.07
C GLN B 120 22.73 -10.07 0.75
C GLN B 120 22.77 -10.16 0.66
N THR B 121 23.87 -10.39 1.37
CA THR B 121 25.10 -9.61 1.19
C THR B 121 25.61 -9.75 -0.26
N ARG B 122 25.64 -10.98 -0.76
CA ARG B 122 26.11 -11.24 -2.14
C ARG B 122 25.20 -10.52 -3.15
N LEU B 123 23.89 -10.63 -2.97
CA LEU B 123 22.96 -9.92 -3.84
C LEU B 123 23.20 -8.43 -3.85
N VAL B 124 23.29 -7.84 -2.68
CA VAL B 124 23.52 -6.39 -2.67
C VAL B 124 24.84 -6.06 -3.36
N HIS B 125 25.90 -6.80 -3.09
CA HIS B 125 27.20 -6.50 -3.68
C HIS B 125 27.12 -6.61 -5.22
N ASP B 126 26.57 -7.71 -5.72
CA ASP B 126 26.64 -7.96 -7.16
C ASP B 126 25.70 -7.02 -7.92
N LEU B 127 24.49 -6.89 -7.40
CA LEU B 127 23.53 -6.03 -8.08
C LEU B 127 23.94 -4.58 -8.05
N SER B 128 24.50 -4.13 -6.92
CA SER B 128 25.00 -2.76 -6.85
C SER B 128 26.13 -2.54 -7.87
N ALA B 129 27.03 -3.50 -7.99
CA ALA B 129 28.14 -3.33 -8.93
C ALA B 129 27.62 -3.23 -10.35
N CYS B 130 26.60 -4.02 -10.69
CA CYS B 130 26.12 -4.06 -12.05
C CYS B 130 25.35 -2.77 -12.36
N ALA B 131 24.48 -2.36 -11.43
CA ALA B 131 23.66 -1.16 -11.64
C ALA B 131 24.52 0.10 -11.61
N GLY B 132 25.60 0.02 -10.84
CA GLY B 132 26.45 1.17 -10.61
C GLY B 132 26.15 2.09 -9.44
N GLU B 133 25.17 1.70 -8.62
CA GLU B 133 24.83 2.47 -7.44
C GLU B 133 24.28 1.46 -6.45
N THR B 134 24.36 1.78 -5.17
CA THR B 134 23.88 0.84 -4.15
C THR B 134 22.40 0.44 -4.34
N VAL B 135 22.16 -0.85 -4.34
CA VAL B 135 20.83 -1.40 -4.52
C VAL B 135 20.37 -1.92 -3.15
N THR B 136 19.06 -1.84 -2.89
N THR B 136 19.08 -1.80 -2.83
CA THR B 136 18.51 -2.39 -1.66
CA THR B 136 18.59 -2.42 -1.59
C THR B 136 17.95 -3.79 -1.90
C THR B 136 17.96 -3.76 -1.86
N VAL B 137 18.22 -4.73 -0.98
CA VAL B 137 17.75 -6.10 -1.16
C VAL B 137 17.18 -6.59 0.16
N ASN B 138 15.96 -7.11 0.09
N ASN B 138 15.98 -7.15 0.10
CA ASN B 138 15.37 -7.86 1.20
CA ASN B 138 15.41 -7.84 1.26
C ASN B 138 15.15 -9.28 0.72
C ASN B 138 14.96 -9.25 0.88
N VAL B 139 15.58 -10.24 1.51
CA VAL B 139 15.33 -11.66 1.22
C VAL B 139 14.30 -12.16 2.24
N LYS B 140 13.09 -12.42 1.75
CA LYS B 140 11.96 -12.68 2.63
C LYS B 140 11.56 -14.16 2.59
N SER B 141 11.34 -14.74 3.77
N SER B 141 11.31 -14.72 3.78
CA SER B 141 10.84 -16.11 3.80
CA SER B 141 10.81 -16.09 3.88
C SER B 141 9.41 -16.17 3.26
C SER B 141 9.40 -16.16 3.27
N LEU B 142 9.03 -17.33 2.76
CA LEU B 142 7.72 -17.46 2.08
C LEU B 142 6.61 -17.21 3.11
N ASN B 143 6.86 -17.50 4.37
N ASN B 143 6.88 -17.49 4.38
CA ASN B 143 5.78 -17.29 5.36
CA ASN B 143 5.86 -17.28 5.41
C ASN B 143 5.48 -15.79 5.61
C ASN B 143 5.51 -15.80 5.64
N GLU B 144 6.35 -14.90 5.12
CA GLU B 144 6.05 -13.46 5.23
C GLU B 144 4.90 -13.04 4.34
N TYR B 145 4.45 -13.93 3.45
CA TYR B 145 3.40 -13.62 2.53
C TYR B 145 2.10 -14.33 2.85
N THR B 146 2.09 -15.24 3.82
CA THR B 146 0.82 -15.92 4.15
C THR B 146 -0.23 -14.90 4.56
N ALA B 147 -1.41 -15.02 3.95
CA ALA B 147 -2.57 -14.14 4.15
C ALA B 147 -2.39 -12.69 3.74
N GLU B 148 -1.37 -12.44 2.93
CA GLU B 148 -1.21 -11.12 2.28
C GLU B 148 -2.24 -11.00 1.18
N PRO B 149 -2.94 -9.89 1.12
CA PRO B 149 -3.97 -9.77 0.09
C PRO B 149 -3.43 -9.18 -1.23
N ILE B 150 -4.02 -9.65 -2.31
CA ILE B 150 -3.79 -9.05 -3.61
C ILE B 150 -4.42 -7.64 -3.60
N VAL B 151 -3.71 -6.68 -4.19
CA VAL B 151 -4.23 -5.30 -4.25
C VAL B 151 -4.51 -4.87 -5.67
N THR B 152 -5.28 -3.78 -5.80
CA THR B 152 -5.37 -3.12 -7.10
C THR B 152 -4.78 -1.75 -6.96
N GLN B 154 -4.76 2.55 -7.24
CA GLN B 154 -5.56 3.59 -6.60
C GLN B 154 -6.25 4.46 -7.60
N GLY B 155 -7.29 5.09 -7.10
CA GLY B 155 -7.93 6.10 -7.91
C GLY B 155 -8.85 5.42 -8.91
N GLU B 156 -9.07 6.14 -9.99
N GLU B 156 -9.11 6.14 -9.97
CA GLU B 156 -10.06 5.84 -11.00
CA GLU B 156 -10.09 5.74 -10.95
C GLU B 156 -9.43 4.98 -12.13
C GLU B 156 -9.44 4.97 -12.10
N CYS B 157 -9.99 3.79 -12.39
CA CYS B 157 -9.58 2.99 -13.56
C CYS B 157 -10.18 3.64 -14.81
N ILE B 158 -9.37 3.86 -15.84
CA ILE B 158 -9.84 4.52 -17.06
C ILE B 158 -10.19 3.56 -18.16
N ASP B 159 -10.20 2.26 -17.86
CA ASP B 159 -10.28 1.30 -18.95
C ASP B 159 -11.67 1.08 -19.49
N ASP B 160 -12.70 1.40 -18.72
CA ASP B 160 -14.07 1.09 -19.13
C ASP B 160 -14.66 2.20 -20.00
N GLN B 161 -14.16 2.28 -21.23
CA GLN B 161 -14.61 3.31 -22.17
C GLN B 161 -15.13 2.64 -23.42
N ASP B 162 -16.24 3.13 -23.96
CA ASP B 162 -16.85 2.52 -25.12
C ASP B 162 -16.27 3.19 -26.37
N ILE B 163 -14.98 2.95 -26.62
CA ILE B 163 -14.28 3.56 -27.75
C ILE B 163 -13.75 2.50 -28.71
N GLU B 164 -13.52 2.92 -29.94
CA GLU B 164 -13.00 2.06 -30.98
C GLU B 164 -11.52 2.41 -31.20
N ILE B 165 -10.70 1.37 -31.31
CA ILE B 165 -9.28 1.56 -31.63
C ILE B 165 -9.06 1.11 -33.08
N ALA B 166 -8.49 1.99 -33.92
CA ALA B 166 -8.40 1.72 -35.36
C ALA B 166 -7.02 1.30 -35.83
N ASN B 167 -6.01 1.53 -34.99
CA ASN B 167 -4.71 0.99 -35.28
C ASN B 167 -3.94 0.89 -33.99
N TYR B 168 -2.79 0.23 -34.05
CA TYR B 168 -2.03 -0.07 -32.85
C TYR B 168 -0.62 0.48 -32.93
N GLU B 169 -0.42 1.54 -33.70
CA GLU B 169 0.89 2.14 -33.81
C GLU B 169 1.10 3.15 -32.66
N PHE B 170 2.31 3.15 -32.12
CA PHE B 170 2.61 4.10 -31.06
C PHE B 170 2.44 5.52 -31.55
N ASP B 171 1.76 6.35 -30.76
CA ASP B 171 1.55 7.73 -31.13
C ASP B 171 1.50 8.67 -29.95
N ASP B 172 2.62 9.29 -29.63
CA ASP B 172 2.67 10.19 -28.47
C ASP B 172 1.77 11.41 -28.66
N ALA B 173 1.51 11.79 -29.92
CA ALA B 173 0.65 12.93 -30.18
C ALA B 173 -0.80 12.67 -29.81
N LEU B 174 -1.12 11.46 -29.40
CA LEU B 174 -2.46 11.20 -28.83
C LEU B 174 -2.68 12.05 -27.57
N LEU B 175 -1.60 12.51 -26.94
CA LEU B 175 -1.73 13.36 -25.76
C LEU B 175 -1.78 14.87 -26.08
N GLN B 176 -1.62 15.26 -27.35
CA GLN B 176 -1.74 16.69 -27.73
C GLN B 176 -3.09 17.27 -27.27
N GLY B 177 -3.06 18.32 -26.45
CA GLY B 177 -4.27 18.93 -25.93
C GLY B 177 -5.04 18.08 -24.96
N ALA B 178 -4.40 17.04 -24.44
CA ALA B 178 -5.10 16.13 -23.55
C ALA B 178 -5.33 16.73 -22.13
N ALA B 179 -4.69 17.84 -21.80
CA ALA B 179 -4.84 18.39 -20.44
C ALA B 179 -5.34 19.78 -20.51
N GLN B 180 -6.63 19.91 -20.79
CA GLN B 180 -7.17 21.26 -20.87
C GLN B 180 -8.20 21.54 -19.79
N GLY B 181 -8.37 20.64 -18.83
CA GLY B 181 -9.40 20.89 -17.81
C GLY B 181 -8.93 21.76 -16.66
N GLU B 182 -9.83 21.91 -15.70
CA GLU B 182 -9.54 22.70 -14.53
C GLU B 182 -8.42 22.04 -13.72
N GLU B 183 -7.86 22.84 -12.83
CA GLU B 183 -6.75 22.38 -12.01
C GLU B 183 -7.26 21.32 -11.03
N VAL B 184 -6.63 20.17 -11.07
CA VAL B 184 -6.99 19.05 -10.17
C VAL B 184 -5.79 18.35 -9.58
N SER B 185 -6.04 17.55 -8.52
CA SER B 185 -5.08 16.54 -8.11
C SER B 185 -5.87 15.25 -8.16
N GLU B 186 -5.37 14.25 -8.87
CA GLU B 186 -6.08 13.00 -8.92
C GLU B 186 -5.16 11.86 -9.34
N VAL B 187 -5.69 10.67 -9.16
CA VAL B 187 -4.95 9.45 -9.44
C VAL B 187 -5.79 8.60 -10.41
N LEU B 188 -5.17 8.18 -11.52
CA LEU B 188 -5.79 7.39 -12.54
C LEU B 188 -4.99 6.09 -12.71
N HIS B 189 -5.63 5.06 -13.25
CA HIS B 189 -4.84 3.89 -13.59
C HIS B 189 -5.46 3.13 -14.71
N SER B 190 -4.65 2.25 -15.28
CA SER B 190 -5.06 1.38 -16.39
C SER B 190 -4.39 0.06 -16.19
N HIS B 191 -5.10 -1.00 -16.59
CA HIS B 191 -4.53 -2.38 -16.61
C HIS B 191 -4.15 -2.79 -18.03
N LEU B 192 -4.21 -1.86 -18.99
CA LEU B 192 -4.10 -2.26 -20.41
C LEU B 192 -2.76 -1.95 -21.04
N LEU B 193 -1.73 -1.77 -20.22
CA LEU B 193 -0.41 -1.58 -20.76
C LEU B 193 0.18 -2.92 -21.24
N LYS B 194 0.65 -2.96 -22.47
CA LYS B 194 1.28 -4.11 -23.02
C LYS B 194 2.29 -3.51 -23.94
N SER B 195 3.49 -4.06 -23.91
CA SER B 195 4.45 -3.76 -24.96
C SER B 195 5.07 -5.08 -25.37
N ASN B 196 6.01 -5.04 -26.32
CA ASN B 196 6.69 -6.25 -26.75
C ASN B 196 8.16 -6.21 -26.39
N ALA B 197 8.70 -7.35 -25.98
CA ALA B 197 10.10 -7.41 -25.66
C ALA B 197 10.89 -7.19 -26.95
N LEU B 198 12.05 -6.55 -26.83
CA LEU B 198 12.84 -6.07 -27.96
C LEU B 198 13.03 -7.03 -29.12
N ILE B 199 13.14 -8.33 -28.83
CA ILE B 199 13.55 -9.29 -29.86
C ILE B 199 12.46 -10.24 -30.36
N THR B 200 11.89 -11.03 -29.44
CA THR B 200 10.96 -12.08 -29.86
C THR B 200 9.52 -11.61 -29.96
N ASN B 201 9.29 -10.33 -29.69
CA ASN B 201 7.97 -9.74 -29.74
C ASN B 201 7.01 -10.41 -28.76
N GLN B 202 7.55 -11.25 -27.87
CA GLN B 202 6.76 -11.81 -26.77
C GLN B 202 6.23 -10.71 -25.85
N PRO B 203 4.93 -10.78 -25.51
CA PRO B 203 4.35 -9.63 -24.86
C PRO B 203 4.70 -9.53 -23.38
N ASP B 204 4.79 -8.30 -22.89
N ASP B 204 4.79 -8.30 -22.91
CA ASP B 204 4.86 -8.03 -21.46
CA ASP B 204 4.90 -7.96 -21.50
C ASP B 204 3.67 -7.18 -21.02
C ASP B 204 3.55 -7.42 -21.14
N TRP B 205 3.11 -7.57 -19.89
CA TRP B 205 1.83 -7.01 -19.46
C TRP B 205 1.96 -6.17 -18.19
N GLY B 206 1.29 -5.02 -18.16
CA GLY B 206 1.42 -4.16 -16.99
C GLY B 206 0.16 -3.43 -16.64
N SER B 207 0.08 -2.97 -15.38
CA SER B 207 -0.87 -1.94 -14.99
C SER B 207 -0.06 -0.69 -14.62
N VAL B 208 -0.66 0.49 -14.82
CA VAL B 208 0.08 1.71 -14.55
C VAL B 208 -0.81 2.73 -13.84
N GLU B 209 -0.23 3.38 -12.84
CA GLU B 209 -0.91 4.36 -12.00
C GLU B 209 -0.26 5.71 -12.24
N ILE B 210 -1.08 6.73 -12.48
CA ILE B 210 -0.65 8.09 -12.81
C ILE B 210 -1.34 9.03 -11.83
N ALA B 211 -0.50 9.63 -11.00
CA ALA B 211 -0.99 10.60 -9.96
C ALA B 211 -0.40 11.97 -10.34
N TYR B 212 -1.25 12.98 -10.41
CA TYR B 212 -0.72 14.27 -10.81
C TYR B 212 -1.52 15.43 -10.23
N HIS B 213 -0.87 16.57 -10.26
CA HIS B 213 -1.53 17.84 -9.92
C HIS B 213 -1.33 18.67 -11.17
N GLY B 214 -2.40 19.08 -11.83
CA GLY B 214 -2.27 19.94 -13.00
C GLY B 214 -3.63 20.05 -13.71
N ALA B 215 -3.62 20.48 -14.96
CA ALA B 215 -4.89 20.64 -15.67
C ALA B 215 -5.49 19.25 -15.88
N LYS B 216 -6.80 19.11 -15.63
CA LYS B 216 -7.42 17.75 -15.71
C LYS B 216 -7.23 17.07 -17.08
N ASN B 218 -7.78 14.40 -20.18
CA ASN B 218 -8.87 13.74 -20.91
C ASN B 218 -8.63 12.24 -20.84
N ARG B 219 -9.58 11.50 -20.31
CA ARG B 219 -9.39 10.08 -20.08
C ARG B 219 -9.31 9.28 -21.37
N GLU B 220 -10.07 9.68 -22.38
CA GLU B 220 -9.99 8.94 -23.65
C GLU B 220 -8.60 9.08 -24.27
N ALA B 221 -8.07 10.30 -24.28
CA ALA B 221 -6.73 10.52 -24.85
C ALA B 221 -5.67 9.71 -24.12
N LEU B 222 -5.73 9.74 -22.80
CA LEU B 222 -4.74 9.02 -22.00
C LEU B 222 -4.85 7.50 -22.30
N LEU B 223 -6.08 6.95 -22.32
CA LEU B 223 -6.25 5.53 -22.61
C LEU B 223 -5.78 5.17 -24.03
N ARG B 224 -6.10 5.99 -25.04
CA ARG B 224 -5.62 5.70 -26.41
C ARG B 224 -4.08 5.71 -26.43
N TYR B 225 -3.51 6.67 -25.72
CA TYR B 225 -2.04 6.79 -25.71
C TYR B 225 -1.44 5.52 -25.14
N LEU B 226 -1.94 5.06 -23.99
CA LEU B 226 -1.40 3.85 -23.37
C LEU B 226 -1.62 2.63 -24.26
N VAL B 227 -2.80 2.51 -24.88
CA VAL B 227 -3.07 1.36 -25.75
C VAL B 227 -2.09 1.35 -26.95
N SER B 228 -1.64 2.53 -27.33
CA SER B 228 -0.78 2.61 -28.51
C SER B 228 0.63 2.10 -28.23
N PHE B 229 0.95 1.77 -26.96
CA PHE B 229 2.17 0.97 -26.73
C PHE B 229 2.13 -0.49 -27.17
N ARG B 230 0.99 -1.02 -27.62
N ARG B 230 0.99 -1.02 -27.62
CA ARG B 230 0.74 -2.47 -27.63
CA ARG B 230 0.74 -2.46 -27.64
C ARG B 230 1.70 -3.21 -28.57
C ARG B 230 1.69 -3.21 -28.58
N GLU B 231 2.32 -2.49 -29.51
CA GLU B 231 3.30 -3.10 -30.41
C GLU B 231 4.66 -2.38 -30.39
N HIS B 232 4.87 -1.60 -29.37
CA HIS B 232 6.11 -0.85 -29.12
C HIS B 232 7.12 -1.82 -28.49
N ASN B 233 8.40 -1.67 -28.82
CA ASN B 233 9.44 -2.47 -28.23
C ASN B 233 10.36 -1.60 -27.37
N GLU B 234 10.26 -1.72 -26.05
CA GLU B 234 11.14 -1.00 -25.14
C GLU B 234 11.13 -1.72 -23.78
N PHE B 235 12.19 -1.57 -23.00
CA PHE B 235 12.21 -2.15 -21.66
C PHE B 235 11.14 -1.52 -20.77
N HIS B 236 10.81 -2.18 -19.66
CA HIS B 236 9.73 -1.63 -18.82
C HIS B 236 10.13 -0.29 -18.25
N GLU B 237 11.39 -0.19 -17.84
CA GLU B 237 11.91 1.03 -17.26
C GLU B 237 11.82 2.19 -18.26
N GLN B 238 12.10 1.87 -19.53
CA GLN B 238 12.09 2.82 -20.66
C GLN B 238 10.67 3.23 -20.96
N CYS B 239 9.77 2.27 -20.95
N CYS B 239 9.75 2.28 -20.93
CA CYS B 239 8.36 2.59 -21.14
CA CYS B 239 8.34 2.65 -21.14
C CYS B 239 7.84 3.60 -20.10
C CYS B 239 7.81 3.62 -20.07
N VAL B 240 8.12 3.36 -18.80
CA VAL B 240 7.68 4.26 -17.73
C VAL B 240 8.29 5.67 -17.91
N GLU B 241 9.57 5.72 -18.28
CA GLU B 241 10.18 7.01 -18.53
C GLU B 241 9.57 7.75 -19.70
N ARG B 242 9.12 7.01 -20.70
CA ARG B 242 8.56 7.64 -21.86
C ARG B 242 7.17 8.16 -21.50
N ILE B 243 6.40 7.37 -20.73
CA ILE B 243 5.06 7.82 -20.32
C ILE B 243 5.22 9.12 -19.51
N PHE B 244 6.20 9.12 -18.61
CA PHE B 244 6.37 10.28 -17.71
C PHE B 244 6.73 11.50 -18.56
N THR B 245 7.73 11.35 -19.45
CA THR B 245 8.19 12.51 -20.20
C THR B 245 7.12 12.97 -21.23
N ASP B 246 6.38 12.05 -21.81
CA ASP B 246 5.32 12.45 -22.74
C ASP B 246 4.18 13.18 -21.98
N ILE B 247 3.78 12.69 -20.81
CA ILE B 247 2.76 13.41 -20.05
C ILE B 247 3.30 14.78 -19.67
N ARG B 249 5.55 16.71 -21.16
CA ARG B 249 5.66 17.66 -22.25
C ARG B 249 4.32 18.06 -22.86
N TYR B 250 3.37 17.13 -22.93
CA TYR B 250 2.08 17.44 -23.53
C TYR B 250 1.04 17.98 -22.56
N CYS B 251 1.07 17.50 -21.32
CA CYS B 251 0.05 17.84 -20.32
C CYS B 251 0.54 18.84 -19.30
N GLN B 252 1.86 18.98 -19.19
CA GLN B 252 2.46 19.97 -18.29
C GLN B 252 1.86 20.02 -16.83
N PRO B 253 1.72 18.84 -16.19
CA PRO B 253 1.29 18.89 -14.77
C PRO B 253 2.36 19.59 -13.91
N GLN B 254 1.97 20.14 -12.76
CA GLN B 254 2.94 20.74 -11.84
C GLN B 254 3.70 19.62 -11.12
N SER B 255 3.02 18.51 -10.84
N SER B 255 3.00 18.51 -10.82
CA SER B 255 3.69 17.33 -10.30
CA SER B 255 3.59 17.32 -10.18
C SER B 255 3.07 16.07 -10.86
C SER B 255 3.06 16.06 -10.86
N LEU B 256 3.89 15.03 -10.95
CA LEU B 256 3.52 13.83 -11.70
C LEU B 256 4.26 12.63 -11.13
N THR B 257 3.51 11.53 -10.97
CA THR B 257 4.11 10.27 -10.58
C THR B 257 3.55 9.21 -11.50
N VAL B 258 4.43 8.36 -12.05
CA VAL B 258 4.02 7.26 -12.90
C VAL B 258 4.61 5.98 -12.28
N TYR B 259 3.75 5.03 -11.94
CA TYR B 259 4.24 3.79 -11.31
C TYR B 259 3.59 2.63 -12.10
N ALA B 260 4.39 1.76 -12.73
CA ALA B 260 3.85 0.61 -13.47
C ALA B 260 4.24 -0.68 -12.74
N ARG B 261 3.33 -1.63 -12.72
CA ARG B 261 3.62 -2.94 -12.16
C ARG B 261 3.41 -3.96 -13.23
N TYR B 262 4.50 -4.58 -13.64
CA TYR B 262 4.44 -5.57 -14.73
C TYR B 262 4.41 -7.00 -14.25
N THR B 263 3.83 -7.89 -15.05
CA THR B 263 3.85 -9.31 -14.71
C THR B 263 5.26 -9.85 -14.93
N ARG B 264 5.63 -10.87 -14.17
CA ARG B 264 6.98 -11.40 -14.26
C ARG B 264 7.27 -12.08 -15.58
N ARG B 265 8.56 -12.03 -15.90
CA ARG B 265 9.11 -12.88 -16.96
C ARG B 265 10.33 -13.59 -16.38
N GLY B 266 10.41 -14.89 -16.59
CA GLY B 266 11.53 -15.64 -16.05
C GLY B 266 11.61 -15.60 -14.54
N GLY B 267 10.45 -15.47 -13.89
CA GLY B 267 10.38 -15.54 -12.45
C GLY B 267 10.67 -14.20 -11.76
N LEU B 268 10.91 -13.15 -12.52
CA LEU B 268 11.25 -11.85 -11.98
C LEU B 268 10.27 -10.82 -12.52
N ASP B 269 9.76 -9.92 -11.69
CA ASP B 269 9.03 -8.77 -12.21
C ASP B 269 9.70 -7.46 -11.90
N ILE B 270 9.33 -6.42 -12.66
N ILE B 270 9.34 -6.45 -12.70
CA ILE B 270 9.92 -5.09 -12.50
CA ILE B 270 9.84 -5.08 -12.59
C ILE B 270 8.84 -4.04 -12.54
C ILE B 270 8.70 -4.11 -12.42
N ASN B 271 8.93 -3.11 -11.59
CA ASN B 271 7.89 -2.17 -11.25
C ASN B 271 8.56 -0.80 -11.18
N PRO B 272 8.70 -0.12 -12.35
CA PRO B 272 9.42 1.16 -12.35
C PRO B 272 8.54 2.27 -11.79
N PHE B 273 9.14 3.10 -10.94
CA PHE B 273 8.46 4.21 -10.31
C PHE B 273 9.21 5.48 -10.72
N ARG B 274 8.50 6.49 -11.26
CA ARG B 274 9.16 7.77 -11.64
C ARG B 274 8.30 8.90 -11.23
N SER B 275 8.89 9.85 -10.50
CA SER B 275 8.10 10.92 -9.89
C SER B 275 8.83 12.25 -9.98
N SER B 276 8.11 13.35 -10.13
CA SER B 276 8.80 14.62 -10.03
C SER B 276 9.26 14.92 -8.58
N HIS B 277 8.55 14.41 -7.57
CA HIS B 277 8.88 14.72 -6.17
C HIS B 277 9.16 13.56 -5.20
N GLN B 278 8.73 12.35 -5.53
CA GLN B 278 8.82 11.24 -4.61
C GLN B 278 9.95 10.40 -5.02
N SER B 279 10.64 9.77 -4.07
CA SER B 279 11.78 8.94 -4.45
C SER B 279 11.47 7.45 -4.44
N ALA B 280 10.34 7.05 -3.84
CA ALA B 280 9.93 5.63 -3.82
C ALA B 280 8.42 5.56 -3.61
N PRO B 281 7.80 4.49 -4.07
CA PRO B 281 6.38 4.33 -3.73
C PRO B 281 6.18 3.97 -2.23
N ASN B 282 5.03 4.33 -1.65
CA ASN B 282 4.81 4.06 -0.20
C ASN B 282 4.03 2.79 -0.03
N HIS B 283 4.12 1.92 -1.03
CA HIS B 283 3.53 0.60 -0.96
C HIS B 283 4.16 -0.23 -2.05
N ASN B 284 4.32 -1.51 -1.76
CA ASN B 284 4.85 -2.49 -2.73
C ASN B 284 4.11 -3.78 -2.45
N GLN B 285 3.01 -3.99 -3.17
CA GLN B 285 2.12 -5.12 -2.93
C GLN B 285 1.73 -5.67 -4.29
N ARG B 286 1.60 -6.99 -4.40
CA ARG B 286 1.39 -7.50 -5.73
C ARG B 286 -0.05 -7.38 -6.21
N ALA B 288 -3.16 -8.50 -9.22
CA ALA B 288 -3.78 -9.79 -9.55
C ALA B 288 -2.98 -10.60 -10.57
N ARG B 289 -2.44 -9.93 -11.60
CA ARG B 289 -1.73 -10.71 -12.61
C ARG B 289 -0.27 -10.97 -12.29
N GLN B 290 0.25 -10.34 -11.24
CA GLN B 290 1.66 -10.49 -10.90
C GLN B 290 1.81 -11.78 -10.09
N ASN C 32 12.30 26.36 24.58
CA ASN C 32 13.06 27.28 23.75
C ASN C 32 13.93 26.58 22.70
N GLN C 33 15.08 26.04 23.08
CA GLN C 33 15.95 25.43 22.09
C GLN C 33 15.88 23.90 22.19
N TYR C 34 16.40 23.28 21.15
CA TYR C 34 16.48 21.85 20.99
C TYR C 34 16.89 21.15 22.29
N ASP C 35 16.05 20.22 22.73
CA ASP C 35 16.22 19.56 24.04
C ASP C 35 15.81 18.09 24.05
N PRO C 36 16.78 17.18 23.83
CA PRO C 36 16.50 15.74 23.85
C PRO C 36 15.99 15.23 25.20
N SER C 37 16.19 15.97 26.29
CA SER C 37 15.80 15.44 27.61
C SER C 37 14.29 15.47 27.77
N LEU C 38 13.60 16.09 26.82
CA LEU C 38 12.12 16.14 26.86
C LEU C 38 11.51 14.76 26.60
N LEU C 39 12.23 13.90 25.88
CA LEU C 39 11.70 12.58 25.49
C LEU C 39 11.57 11.72 26.75
N GLN C 40 10.44 11.06 26.89
N GLN C 40 10.42 11.08 26.88
CA GLN C 40 10.23 10.14 28.02
CA GLN C 40 10.14 10.15 27.98
C GLN C 40 9.91 8.73 27.52
C GLN C 40 9.95 8.74 27.43
N PRO C 41 10.79 7.78 27.83
CA PRO C 41 10.48 6.41 27.47
C PRO C 41 9.47 5.77 28.45
N VAL C 42 8.76 4.78 27.95
CA VAL C 42 7.89 3.93 28.75
C VAL C 42 8.27 2.50 28.39
N PRO C 43 8.56 1.68 29.38
CA PRO C 43 9.03 0.32 29.04
C PRO C 43 7.87 -0.54 28.47
N ARG C 44 8.17 -1.29 27.41
CA ARG C 44 7.21 -2.20 26.80
C ARG C 44 6.84 -3.32 27.77
N SER C 45 7.70 -3.58 28.76
CA SER C 45 7.49 -4.68 29.67
C SER C 45 6.28 -4.50 30.58
N LEU C 46 5.82 -3.25 30.76
CA LEU C 46 4.71 -3.05 31.70
C LEU C 46 3.47 -3.80 31.25
N ASN C 47 3.02 -3.50 30.03
CA ASN C 47 1.85 -4.10 29.39
C ASN C 47 2.10 -5.55 29.05
N ARG C 48 3.33 -5.88 28.67
CA ARG C 48 3.61 -7.22 28.20
C ARG C 48 3.53 -8.20 29.35
N ASN C 49 3.97 -7.77 30.54
CA ASN C 49 3.84 -8.64 31.67
C ASN C 49 2.36 -8.76 32.01
N ASP C 50 1.60 -7.70 31.77
CA ASP C 50 0.15 -7.79 32.03
C ASP C 50 -0.55 -8.77 31.08
N LEU C 51 0.01 -8.96 29.88
CA LEU C 51 -0.54 -9.90 28.89
C LEU C 51 -0.01 -11.31 29.07
N HIS C 52 0.84 -11.46 30.10
CA HIS C 52 1.47 -12.74 30.42
C HIS C 52 2.41 -13.22 29.32
N LEU C 53 3.12 -12.29 28.70
CA LEU C 53 4.14 -12.63 27.72
C LEU C 53 5.48 -12.86 28.39
N SER C 54 6.26 -13.74 27.79
CA SER C 54 7.66 -13.89 28.19
C SER C 54 8.48 -12.77 27.55
N ALA C 55 9.78 -12.82 27.75
CA ALA C 55 10.65 -11.89 27.05
C ALA C 55 10.81 -12.38 25.63
N THR C 56 10.51 -13.65 25.35
CA THR C 56 10.44 -14.12 23.94
C THR C 56 9.07 -13.93 23.28
N LEU C 57 8.96 -12.86 22.51
CA LEU C 57 7.66 -12.37 22.05
C LEU C 57 7.01 -13.31 21.05
N PRO C 58 5.66 -13.40 21.07
CA PRO C 58 4.95 -14.21 20.08
C PRO C 58 4.68 -13.41 18.80
N PHE C 59 5.24 -12.23 18.72
CA PHE C 59 5.08 -11.39 17.52
C PHE C 59 6.37 -10.68 17.21
N GLN C 60 6.46 -10.18 15.98
CA GLN C 60 7.47 -9.20 15.63
C GLN C 60 6.75 -8.02 15.06
N GLY C 61 7.48 -6.98 14.74
CA GLY C 61 6.86 -5.80 14.12
C GLY C 61 7.49 -4.52 14.58
N CYS C 62 6.69 -3.45 14.52
CA CYS C 62 7.20 -2.09 14.69
C CYS C 62 6.06 -1.12 14.95
N ASP C 63 6.44 0.04 15.47
CA ASP C 63 5.49 1.17 15.64
C ASP C 63 5.82 2.25 14.65
N ILE C 64 4.93 2.46 13.70
CA ILE C 64 5.18 3.45 12.67
C ILE C 64 4.53 4.78 13.11
N TRP C 65 5.32 5.85 13.18
CA TRP C 65 4.82 7.16 13.64
C TRP C 65 4.88 8.11 12.45
N THR C 66 3.87 8.99 12.38
CA THR C 66 3.87 10.08 11.39
C THR C 66 3.92 11.39 12.18
N LEU C 67 4.89 12.24 11.82
CA LEU C 67 5.14 13.50 12.53
C LEU C 67 4.69 14.61 11.58
N TYR C 68 3.45 15.05 11.73
CA TYR C 68 2.90 16.03 10.80
C TYR C 68 3.35 17.45 11.01
N GLU C 69 3.94 17.74 12.16
N GLU C 69 4.07 17.76 12.05
CA GLU C 69 4.21 19.12 12.57
CA GLU C 69 4.32 19.19 12.27
C GLU C 69 5.73 19.41 12.71
C GLU C 69 5.77 19.54 12.49
N LEU C 70 6.58 18.63 12.05
CA LEU C 70 8.02 18.76 12.17
C LEU C 70 8.46 20.09 11.52
N SER C 71 9.12 20.95 12.31
CA SER C 71 9.52 22.26 11.80
C SER C 71 10.71 22.78 12.59
N TRP C 72 11.63 23.44 11.89
CA TRP C 72 12.83 23.90 12.54
C TRP C 72 13.30 25.11 11.75
N LEU C 73 14.43 25.69 12.11
CA LEU C 73 14.94 26.81 11.34
C LEU C 73 16.17 26.37 10.56
N ASN C 74 16.34 26.85 9.32
CA ASN C 74 17.58 26.51 8.61
C ASN C 74 18.76 27.34 9.17
N GLN C 75 19.90 27.25 8.52
N GLN C 75 19.91 27.24 8.53
CA GLN C 75 21.10 27.82 9.09
CA GLN C 75 21.12 27.83 9.11
C GLN C 75 20.97 29.33 9.16
C GLN C 75 21.09 29.36 9.04
N LYS C 76 20.14 29.88 8.28
CA LYS C 76 19.95 31.33 8.21
C LYS C 76 18.65 31.77 8.89
N GLY C 77 18.05 30.86 9.65
CA GLY C 77 16.90 31.23 10.49
C GLY C 77 15.55 31.19 9.77
N LEU C 78 15.52 30.70 8.55
CA LEU C 78 14.25 30.64 7.83
C LEU C 78 13.53 29.32 8.13
N PRO C 79 12.25 29.42 8.55
CA PRO C 79 11.60 28.17 8.97
C PRO C 79 11.53 27.13 7.81
N GLN C 80 11.66 25.86 8.20
CA GLN C 80 11.57 24.71 7.34
C GLN C 80 10.39 23.86 7.89
N VAL C 81 9.64 23.22 6.99
CA VAL C 81 8.57 22.33 7.44
C VAL C 81 8.70 20.99 6.71
N ALA C 82 8.32 19.90 7.39
CA ALA C 82 8.45 18.56 6.77
C ALA C 82 7.47 17.63 7.49
N ILE C 83 7.28 16.47 6.90
CA ILE C 83 6.60 15.39 7.61
C ILE C 83 7.62 14.30 7.88
N GLY C 84 7.69 13.89 9.15
CA GLY C 84 8.63 12.83 9.55
C GLY C 84 7.92 11.48 9.51
N GLU C 85 8.60 10.45 9.04
CA GLU C 85 8.06 9.11 9.11
C GLU C 85 9.08 8.31 9.92
N VAL C 86 8.61 7.73 11.03
CA VAL C 86 9.50 7.07 11.99
C VAL C 86 9.04 5.61 12.13
N SER C 87 10.00 4.68 12.23
CA SER C 87 9.66 3.30 12.61
C SER C 87 10.50 2.87 13.81
N ILE C 88 9.81 2.40 14.85
CA ILE C 88 10.45 1.95 16.08
C ILE C 88 10.27 0.45 16.20
N PRO C 89 11.35 -0.30 16.30
CA PRO C 89 11.13 -1.75 16.29
C PRO C 89 10.38 -2.20 17.55
N ALA C 90 9.51 -3.19 17.38
CA ALA C 90 8.76 -3.72 18.52
C ALA C 90 9.62 -4.42 19.55
N THR C 91 10.87 -4.73 19.21
CA THR C 91 11.82 -5.35 20.17
C THR C 91 12.52 -4.29 21.01
N SER C 92 12.29 -3.00 20.74
CA SER C 92 12.95 -2.00 21.57
C SER C 92 12.47 -2.08 23.01
N ALA C 93 13.35 -1.80 23.95
CA ALA C 93 12.95 -1.89 25.35
C ALA C 93 11.77 -0.97 25.67
N ASN C 94 11.80 0.21 25.04
CA ASN C 94 10.83 1.24 25.36
C ASN C 94 10.03 1.70 24.19
N LEU C 95 8.79 2.08 24.47
CA LEU C 95 8.12 3.00 23.57
C LEU C 95 8.36 4.46 23.98
N ILE C 96 8.03 5.41 23.10
CA ILE C 96 8.23 6.82 23.43
C ILE C 96 6.88 7.43 23.72
N GLU C 97 6.75 8.05 24.90
CA GLU C 97 5.45 8.60 25.29
C GLU C 97 5.10 9.79 24.37
N SER C 98 3.87 9.81 23.83
CA SER C 98 3.55 10.69 22.71
C SER C 98 3.57 12.17 23.10
N LYS C 99 3.11 12.56 24.31
CA LYS C 99 3.12 14.00 24.65
C LYS C 99 4.59 14.44 24.72
N SER C 100 5.43 13.58 25.29
CA SER C 100 6.85 13.95 25.41
C SER C 100 7.50 14.04 24.02
N PHE C 101 7.06 13.20 23.09
CA PHE C 101 7.59 13.20 21.72
C PHE C 101 7.20 14.55 21.09
N LYS C 102 5.92 14.96 21.26
CA LYS C 102 5.50 16.28 20.79
C LYS C 102 6.37 17.41 21.37
N LEU C 103 6.55 17.44 22.69
CA LEU C 103 7.30 18.58 23.29
C LEU C 103 8.72 18.57 22.75
N TYR C 104 9.30 17.37 22.64
CA TYR C 104 10.62 17.23 22.03
C TYR C 104 10.65 17.87 20.62
N LEU C 105 9.68 17.51 19.78
CA LEU C 105 9.68 18.07 18.44
C LEU C 105 9.52 19.59 18.48
N ASN C 106 8.68 20.10 19.39
CA ASN C 106 8.49 21.56 19.50
C ASN C 106 9.83 22.28 19.76
N SER C 107 10.72 21.58 20.47
CA SER C 107 12.04 22.16 20.80
C SER C 107 12.89 22.42 19.57
N TYR C 108 12.54 21.82 18.44
CA TYR C 108 13.21 22.11 17.17
C TYR C 108 12.77 23.42 16.56
N ASN C 109 11.59 23.90 16.92
CA ASN C 109 10.88 24.93 16.13
C ASN C 109 11.66 26.24 16.03
N GLN C 110 12.37 26.63 17.07
CA GLN C 110 13.14 27.86 17.05
C GLN C 110 14.65 27.62 17.09
N THR C 111 15.06 26.43 16.65
CA THR C 111 16.49 26.10 16.60
C THR C 111 16.98 26.01 15.16
N ARG C 112 18.12 26.65 14.90
CA ARG C 112 18.76 26.54 13.60
C ARG C 112 19.51 25.23 13.49
N PHE C 113 19.31 24.56 12.34
CA PHE C 113 20.08 23.36 11.99
C PHE C 113 20.74 23.54 10.65
N ALA C 114 21.90 22.93 10.50
CA ALA C 114 22.72 23.16 9.32
C ALA C 114 22.06 22.72 7.99
N SER C 115 21.26 21.64 8.03
CA SER C 115 20.66 21.07 6.83
C SER C 115 19.58 20.09 7.27
N TRP C 116 18.78 19.64 6.31
CA TRP C 116 17.77 18.61 6.56
C TRP C 116 18.47 17.33 7.01
N ASP C 117 19.67 17.07 6.50
CA ASP C 117 20.38 15.86 6.95
C ASP C 117 20.73 15.93 8.43
N GLU C 118 21.09 17.11 8.93
CA GLU C 118 21.37 17.26 10.36
C GLU C 118 20.14 16.90 11.17
N VAL C 119 18.98 17.44 10.77
CA VAL C 119 17.73 17.14 11.46
C VAL C 119 17.47 15.63 11.50
N GLN C 120 17.62 14.96 10.35
N GLN C 120 17.62 14.96 10.36
CA GLN C 120 17.39 13.52 10.32
CA GLN C 120 17.33 13.54 10.33
C GLN C 120 18.32 12.85 11.31
C GLN C 120 18.35 12.76 11.19
N THR C 121 19.59 13.25 11.28
CA THR C 121 20.60 12.60 12.10
C THR C 121 20.26 12.73 13.60
N ARG C 122 19.89 13.93 14.00
CA ARG C 122 19.52 14.20 15.41
C ARG C 122 18.30 13.36 15.78
N LEU C 123 17.30 13.31 14.91
CA LEU C 123 16.10 12.55 15.25
C LEU C 123 16.48 11.08 15.42
N VAL C 124 17.27 10.53 14.50
CA VAL C 124 17.65 9.11 14.66
C VAL C 124 18.40 8.91 15.97
N HIS C 125 19.37 9.77 16.26
CA HIS C 125 20.17 9.55 17.46
C HIS C 125 19.27 9.61 18.72
N ASP C 126 18.40 10.62 18.80
CA ASP C 126 17.66 10.85 20.05
C ASP C 126 16.57 9.82 20.23
N LEU C 127 15.87 9.52 19.14
CA LEU C 127 14.77 8.56 19.25
C LEU C 127 15.30 7.15 19.49
N SER C 128 16.42 6.81 18.86
CA SER C 128 17.05 5.50 19.10
C SER C 128 17.48 5.39 20.56
N ALA C 129 18.03 6.47 21.10
CA ALA C 129 18.50 6.39 22.48
C ALA C 129 17.33 6.16 23.40
N CYS C 130 16.22 6.85 23.12
CA CYS C 130 15.06 6.80 24.00
C CYS C 130 14.40 5.43 23.91
N ALA C 131 14.21 4.93 22.69
CA ALA C 131 13.57 3.61 22.52
C ALA C 131 14.48 2.46 22.96
N GLY C 132 15.80 2.68 22.87
CA GLY C 132 16.75 1.62 23.18
C GLY C 132 17.17 0.73 22.05
N GLU C 133 16.76 1.07 20.84
CA GLU C 133 17.15 0.32 19.66
C GLU C 133 17.10 1.28 18.49
N THR C 134 17.89 1.02 17.46
CA THR C 134 17.94 1.93 16.33
C THR C 134 16.56 2.13 15.70
N VAL C 135 16.18 3.41 15.59
N VAL C 135 16.15 3.37 15.53
CA VAL C 135 14.91 3.88 15.02
CA VAL C 135 14.92 3.60 14.81
C VAL C 135 15.15 4.47 13.62
C VAL C 135 15.24 4.12 13.44
N THR C 136 14.35 4.07 12.64
N THR C 136 14.24 4.06 12.58
CA THR C 136 14.53 4.63 11.28
CA THR C 136 14.35 4.59 11.23
C THR C 136 13.65 5.86 11.07
C THR C 136 13.64 5.92 11.17
N VAL C 137 14.24 6.90 10.46
CA VAL C 137 13.59 8.21 10.31
C VAL C 137 13.76 8.70 8.88
N ASN C 138 12.63 9.06 8.26
N ASN C 138 12.65 9.11 8.26
CA ASN C 138 12.67 9.75 6.97
CA ASN C 138 12.70 9.73 6.94
C ASN C 138 12.08 11.12 7.24
C ASN C 138 11.99 11.08 7.02
N VAL C 139 12.74 12.15 6.76
CA VAL C 139 12.21 13.51 6.85
C VAL C 139 11.84 13.93 5.42
N LYS C 140 10.54 14.06 5.17
CA LYS C 140 10.01 14.22 3.82
C LYS C 140 9.52 15.64 3.60
N SER C 141 9.89 16.21 2.44
CA SER C 141 9.31 17.53 2.14
C SER C 141 7.80 17.43 1.86
N LEU C 142 7.08 18.54 2.03
CA LEU C 142 5.63 18.51 1.85
C LEU C 142 5.28 18.13 0.40
N ASN C 143 6.12 18.50 -0.56
N ASN C 143 6.15 18.48 -0.55
CA ASN C 143 5.76 18.18 -1.94
CA ASN C 143 5.88 18.17 -1.96
C ASN C 143 5.81 16.68 -2.24
C ASN C 143 5.85 16.68 -2.26
N GLU C 144 6.39 15.88 -1.34
CA GLU C 144 6.34 14.41 -1.51
C GLU C 144 4.94 13.84 -1.36
N TYR C 145 4.01 14.64 -0.87
CA TYR C 145 2.65 14.17 -0.65
C TYR C 145 1.67 14.71 -1.65
N THR C 146 2.06 15.65 -2.51
CA THR C 146 1.10 16.20 -3.44
C THR C 146 0.53 15.13 -4.33
N ALA C 147 -0.81 15.08 -4.42
CA ALA C 147 -1.55 14.12 -5.21
C ALA C 147 -1.48 12.69 -4.71
N GLU C 148 -0.97 12.50 -3.48
N GLU C 148 -1.03 12.50 -3.47
CA GLU C 148 -1.10 11.20 -2.83
CA GLU C 148 -0.99 11.19 -2.81
C GLU C 148 -2.55 10.95 -2.48
C GLU C 148 -2.38 10.86 -2.26
N PRO C 149 -3.01 9.74 -2.71
CA PRO C 149 -4.40 9.44 -2.35
C PRO C 149 -4.56 8.87 -0.96
N ILE C 150 -5.70 9.24 -0.38
CA ILE C 150 -6.11 8.65 0.88
C ILE C 150 -6.48 7.18 0.58
N VAL C 151 -6.12 6.28 1.50
CA VAL C 151 -6.41 4.86 1.29
C VAL C 151 -7.39 4.35 2.38
N THR C 152 -8.01 3.18 2.11
CA THR C 152 -8.66 2.47 3.20
C THR C 152 -7.91 1.19 3.43
N GLN C 154 -7.61 -3.13 3.86
N GLN C 154 -7.49 -3.08 3.70
CA GLN C 154 -7.75 -4.23 2.92
CA GLN C 154 -7.69 -4.18 2.73
C GLN C 154 -8.82 -5.19 3.38
C GLN C 154 -8.71 -5.14 3.31
N GLY C 155 -9.35 -5.89 2.41
CA GLY C 155 -10.24 -6.96 2.82
C GLY C 155 -11.62 -6.45 3.18
N GLU C 156 -12.29 -7.27 3.99
N GLU C 156 -12.30 -7.26 3.96
CA GLU C 156 -13.70 -7.12 4.32
CA GLU C 156 -13.69 -7.00 4.23
C GLU C 156 -13.88 -6.20 5.56
C GLU C 156 -13.81 -6.16 5.51
N CYS C 157 -14.62 -5.10 5.42
CA CYS C 157 -14.96 -4.33 6.62
C CYS C 157 -16.05 -5.07 7.39
N ILE C 158 -15.88 -5.19 8.69
CA ILE C 158 -16.84 -5.97 9.47
C ILE C 158 -17.83 -5.08 10.21
N ASP C 159 -17.83 -3.78 9.92
CA ASP C 159 -18.59 -2.86 10.76
C ASP C 159 -20.07 -2.80 10.48
N ASP C 160 -20.49 -3.22 9.29
CA ASP C 160 -21.87 -3.10 8.88
C ASP C 160 -22.70 -4.29 9.34
N GLN C 161 -22.94 -4.32 10.64
CA GLN C 161 -23.71 -5.41 11.25
C GLN C 161 -24.90 -4.83 12.00
N ASP C 162 -26.05 -5.48 11.89
CA ASP C 162 -27.28 -5.01 12.52
C ASP C 162 -27.38 -5.61 13.92
N ILE C 163 -26.45 -5.26 14.79
CA ILE C 163 -26.38 -5.82 16.15
C ILE C 163 -26.58 -4.73 17.20
N GLU C 164 -26.99 -5.16 18.38
CA GLU C 164 -27.16 -4.29 19.53
C GLU C 164 -26.02 -4.48 20.51
N ILE C 165 -25.49 -3.36 21.02
CA ILE C 165 -24.45 -3.38 22.06
C ILE C 165 -25.10 -2.94 23.38
N ALA C 166 -24.99 -3.78 24.41
CA ALA C 166 -25.70 -3.53 25.68
C ALA C 166 -24.82 -3.04 26.80
N ASN C 167 -23.49 -3.08 26.59
CA ASN C 167 -22.64 -2.39 27.53
C ASN C 167 -21.31 -2.18 26.88
N TYR C 168 -20.47 -1.39 27.53
CA TYR C 168 -19.21 -1.02 26.91
C TYR C 168 -17.98 -1.40 27.73
N GLU C 169 -18.07 -2.48 28.50
CA GLU C 169 -16.97 -2.87 29.34
C GLU C 169 -16.08 -3.84 28.53
N PHE C 170 -14.77 -3.69 28.67
CA PHE C 170 -13.88 -4.57 27.93
C PHE C 170 -14.12 -6.04 28.30
N ASP C 171 -14.17 -6.90 27.26
CA ASP C 171 -14.40 -8.31 27.53
C ASP C 171 -13.69 -9.18 26.54
N ASP C 172 -12.49 -9.64 26.90
CA ASP C 172 -11.77 -10.54 25.99
C ASP C 172 -12.52 -11.84 25.72
N ALA C 173 -13.39 -12.29 26.63
CA ALA C 173 -14.10 -13.54 26.43
C ALA C 173 -15.15 -13.45 25.32
N LEU C 174 -15.31 -12.25 24.74
CA LEU C 174 -16.17 -12.13 23.56
C LEU C 174 -15.60 -12.96 22.42
N LEU C 175 -14.30 -13.27 22.48
CA LEU C 175 -13.65 -14.08 21.45
C LEU C 175 -13.73 -15.58 21.77
N GLN C 176 -14.26 -15.99 22.93
CA GLN C 176 -14.39 -17.41 23.26
C GLN C 176 -15.21 -18.14 22.16
N GLY C 177 -14.62 -19.16 21.54
CA GLY C 177 -15.32 -19.89 20.48
C GLY C 177 -15.53 -19.13 19.19
N ALA C 178 -14.83 -17.99 19.01
CA ALA C 178 -15.07 -17.18 17.85
C ALA C 178 -14.40 -17.72 16.60
N ALA C 179 -13.53 -18.73 16.72
CA ALA C 179 -12.94 -19.23 15.47
C ALA C 179 -13.22 -20.68 15.31
N GLN C 180 -14.44 -21.00 14.88
CA GLN C 180 -14.84 -22.38 14.69
C GLN C 180 -15.10 -22.75 13.23
N GLY C 181 -14.81 -21.82 12.31
CA GLY C 181 -15.08 -22.11 10.90
C GLY C 181 -14.01 -22.95 10.20
N GLU C 182 -14.24 -23.19 8.91
CA GLU C 182 -13.27 -23.90 8.08
C GLU C 182 -11.96 -23.09 7.98
N GLU C 183 -10.91 -23.78 7.56
CA GLU C 183 -9.59 -23.17 7.43
C GLU C 183 -9.64 -22.14 6.31
N VAL C 184 -9.27 -20.90 6.65
CA VAL C 184 -9.23 -19.85 5.63
C VAL C 184 -7.99 -19.01 5.74
N SER C 185 -7.71 -18.21 4.71
CA SER C 185 -6.79 -17.08 4.83
C SER C 185 -7.57 -15.87 4.39
N GLU C 186 -7.65 -14.86 5.23
CA GLU C 186 -8.43 -13.66 4.86
C GLU C 186 -8.01 -12.46 5.68
N VAL C 187 -8.50 -11.32 5.23
CA VAL C 187 -8.17 -10.03 5.82
C VAL C 187 -9.48 -9.31 6.14
N LEU C 188 -9.60 -8.86 7.40
CA LEU C 188 -10.78 -8.18 7.90
C LEU C 188 -10.35 -6.81 8.43
N HIS C 189 -11.25 -5.84 8.47
CA HIS C 189 -10.88 -4.61 9.16
C HIS C 189 -12.07 -3.95 9.77
N SER C 190 -11.79 -3.07 10.73
CA SER C 190 -12.83 -2.26 11.37
C SER C 190 -12.34 -0.85 11.55
N HIS C 191 -13.25 0.12 11.44
CA HIS C 191 -12.93 1.53 11.73
C HIS C 191 -13.39 1.92 13.12
N LEU C 192 -13.86 0.97 13.93
CA LEU C 192 -14.56 1.33 15.19
C LEU C 192 -13.72 1.18 16.42
N LEU C 193 -12.41 1.13 16.26
CA LEU C 193 -11.53 1.08 17.41
C LEU C 193 -11.46 2.45 18.09
N LYS C 194 -11.75 2.47 19.37
CA LYS C 194 -11.64 3.65 20.16
C LYS C 194 -11.16 3.17 21.49
N SER C 195 -10.22 3.90 22.06
CA SER C 195 -9.89 3.73 23.47
C SER C 195 -9.76 5.09 24.13
N ASN C 196 -9.45 5.12 25.42
CA ASN C 196 -9.33 6.38 26.13
C ASN C 196 -7.90 6.57 26.58
N ALA C 197 -7.41 7.80 26.46
CA ALA C 197 -6.03 8.08 26.80
C ALA C 197 -5.81 7.72 28.27
N LEU C 198 -4.59 7.30 28.57
CA LEU C 198 -4.25 6.70 29.86
C LEU C 198 -4.59 7.49 31.13
N ILE C 199 -5.01 8.74 30.98
CA ILE C 199 -5.30 9.57 32.15
C ILE C 199 -6.66 10.28 32.12
N THR C 200 -6.87 11.10 31.09
CA THR C 200 -7.99 12.03 31.05
C THR C 200 -9.22 11.54 30.28
N ASN C 201 -9.19 10.26 29.88
CA ASN C 201 -10.26 9.67 29.07
C ASN C 201 -10.56 10.41 27.75
N GLN C 202 -9.68 11.32 27.33
CA GLN C 202 -9.80 11.89 25.99
C GLN C 202 -9.64 10.76 24.98
N PRO C 203 -10.56 10.70 24.02
CA PRO C 203 -10.62 9.53 23.14
C PRO C 203 -9.50 9.52 22.10
N ASP C 204 -9.05 8.32 21.78
CA ASP C 204 -8.19 8.02 20.64
C ASP C 204 -9.05 7.26 19.66
N TRP C 205 -8.82 7.42 18.37
CA TRP C 205 -9.59 6.76 17.33
C TRP C 205 -8.70 5.98 16.39
N GLY C 206 -9.13 4.77 16.02
CA GLY C 206 -8.29 3.95 15.13
C GLY C 206 -9.10 3.09 14.20
N SER C 207 -8.45 2.65 13.13
CA SER C 207 -8.91 1.55 12.32
C SER C 207 -7.90 0.41 12.47
N VAL C 208 -8.39 -0.82 12.36
CA VAL C 208 -7.50 -1.98 12.56
C VAL C 208 -7.76 -3.04 11.49
N GLU C 209 -6.68 -3.63 10.97
CA GLU C 209 -6.69 -4.64 9.92
C GLU C 209 -6.12 -5.90 10.54
N ILE C 210 -6.82 -7.02 10.31
CA ILE C 210 -6.45 -8.32 10.90
C ILE C 210 -6.41 -9.30 9.75
N ALA C 211 -5.22 -9.80 9.51
CA ALA C 211 -5.00 -10.75 8.40
C ALA C 211 -4.55 -12.05 9.06
N TYR C 212 -5.17 -13.15 8.67
CA TYR C 212 -4.81 -14.37 9.35
C TYR C 212 -5.05 -15.60 8.46
N HIS C 213 -4.41 -16.69 8.88
CA HIS C 213 -4.61 -18.01 8.28
C HIS C 213 -5.05 -18.87 9.47
N GLY C 214 -6.25 -19.44 9.46
CA GLY C 214 -6.67 -20.26 10.60
C GLY C 214 -8.16 -20.54 10.45
N ALA C 215 -8.77 -21.07 11.49
CA ALA C 215 -10.20 -21.36 11.45
C ALA C 215 -10.97 -20.05 11.28
N LYS C 216 -11.95 -20.05 10.37
CA LYS C 216 -12.67 -18.77 10.09
C LYS C 216 -13.31 -18.13 11.32
N ASN C 218 -15.73 -15.66 13.56
CA ASN C 218 -17.09 -15.10 13.57
C ASN C 218 -17.00 -13.57 13.62
N ARG C 219 -17.62 -12.93 12.64
CA ARG C 219 -17.53 -11.49 12.44
C ARG C 219 -18.19 -10.71 13.57
N GLU C 220 -19.33 -11.20 14.05
CA GLU C 220 -20.01 -10.57 15.17
C GLU C 220 -19.15 -10.57 16.43
N ALA C 221 -18.56 -11.72 16.75
CA ALA C 221 -17.72 -11.79 17.92
C ALA C 221 -16.54 -10.86 17.83
N LEU C 222 -15.91 -10.79 16.67
CA LEU C 222 -14.72 -9.97 16.52
C LEU C 222 -15.12 -8.48 16.66
N LEU C 223 -16.21 -8.09 16.02
CA LEU C 223 -16.66 -6.71 16.11
C LEU C 223 -17.05 -6.36 17.57
N ARG C 224 -17.77 -7.26 18.28
CA ARG C 224 -18.13 -6.94 19.66
C ARG C 224 -16.85 -6.81 20.50
N TYR C 225 -15.88 -7.69 20.27
CA TYR C 225 -14.63 -7.61 21.01
C TYR C 225 -13.95 -6.25 20.82
N LEU C 226 -13.87 -5.81 19.55
CA LEU C 226 -13.20 -4.55 19.26
C LEU C 226 -13.98 -3.36 19.87
N VAL C 227 -15.31 -3.42 19.77
CA VAL C 227 -16.15 -2.35 20.34
C VAL C 227 -15.99 -2.29 21.85
N SER C 228 -15.66 -3.43 22.46
CA SER C 228 -15.51 -3.44 23.92
C SER C 228 -14.26 -2.72 24.42
N PHE C 229 -13.35 -2.30 23.52
CA PHE C 229 -12.27 -1.37 23.97
C PHE C 229 -12.68 0.05 24.25
N ARG C 230 -13.92 0.45 23.99
N ARG C 230 -13.92 0.44 23.98
CA ARG C 230 -14.30 1.85 23.86
CA ARG C 230 -14.32 1.86 23.87
C ARG C 230 -14.04 2.66 25.13
C ARG C 230 -14.00 2.65 25.14
N GLU C 231 -13.95 1.97 26.27
CA GLU C 231 -13.79 2.67 27.53
C GLU C 231 -12.56 2.13 28.26
N HIS C 232 -11.77 1.37 27.52
CA HIS C 232 -10.52 0.82 27.95
C HIS C 232 -9.43 1.87 27.90
N ASN C 233 -8.57 1.88 28.90
CA ASN C 233 -7.41 2.76 28.89
C ASN C 233 -6.14 1.96 28.65
N GLU C 234 -5.41 2.26 27.58
CA GLU C 234 -4.11 1.66 27.31
C GLU C 234 -3.49 2.41 26.14
N PHE C 235 -2.18 2.37 25.99
CA PHE C 235 -1.55 3.05 24.86
C PHE C 235 -1.90 2.30 23.55
N HIS C 236 -1.73 2.95 22.40
CA HIS C 236 -2.05 2.32 21.14
C HIS C 236 -1.25 1.02 20.92
N GLU C 237 0.04 1.08 21.26
CA GLU C 237 0.93 -0.06 21.09
C GLU C 237 0.44 -1.24 21.93
N GLN C 238 0.00 -0.93 23.14
CA GLN C 238 -0.52 -1.92 24.12
C GLN C 238 -1.83 -2.51 23.63
N CYS C 239 -2.70 -1.66 23.11
N CYS C 239 -2.71 -1.68 23.09
CA CYS C 239 -3.93 -2.12 22.53
CA CYS C 239 -3.97 -2.19 22.53
C CYS C 239 -3.71 -3.16 21.43
C CYS C 239 -3.74 -3.18 21.38
N VAL C 240 -2.84 -2.84 20.45
CA VAL C 240 -2.58 -3.74 19.34
C VAL C 240 -1.99 -5.09 19.86
N GLU C 241 -1.10 -5.00 20.85
CA GLU C 241 -0.54 -6.23 21.43
C GLU C 241 -1.60 -7.08 22.14
N ARG C 242 -2.56 -6.43 22.76
N ARG C 242 -2.55 -6.37 22.75
CA ARG C 242 -3.62 -7.17 23.42
CA ARG C 242 -3.70 -6.97 23.40
C ARG C 242 -4.56 -7.78 22.38
C ARG C 242 -4.52 -7.73 22.38
N ILE C 243 -4.86 -7.05 21.29
CA ILE C 243 -5.68 -7.64 20.23
C ILE C 243 -4.97 -8.89 19.68
N PHE C 244 -3.67 -8.76 19.39
CA PHE C 244 -2.91 -9.87 18.82
C PHE C 244 -2.97 -11.08 19.76
N THR C 245 -2.66 -10.84 21.04
CA THR C 245 -2.51 -11.96 21.96
C THR C 245 -3.88 -12.57 22.30
N ASP C 246 -4.93 -11.78 22.36
CA ASP C 246 -6.29 -12.32 22.58
C ASP C 246 -6.73 -13.15 21.38
N ILE C 247 -6.54 -12.65 20.16
CA ILE C 247 -6.89 -13.47 19.00
C ILE C 247 -6.07 -14.74 19.00
N ARG C 249 -4.80 -16.41 21.52
CA ARG C 249 -5.17 -17.40 22.55
C ARG C 249 -6.57 -17.97 22.37
N TYR C 250 -7.53 -17.17 21.92
CA TYR C 250 -8.89 -17.66 21.74
C TYR C 250 -9.18 -18.27 20.40
N CYS C 251 -8.52 -17.76 19.37
CA CYS C 251 -8.85 -18.18 17.98
C CYS C 251 -7.79 -19.05 17.37
N GLN C 252 -6.60 -19.03 17.97
CA GLN C 252 -5.52 -19.91 17.55
C GLN C 252 -5.22 -20.01 16.02
N PRO C 253 -5.12 -18.87 15.32
CA PRO C 253 -4.70 -18.93 13.92
C PRO C 253 -3.26 -19.43 13.77
N GLN C 254 -2.94 -20.01 12.62
CA GLN C 254 -1.59 -20.42 12.33
C GLN C 254 -0.68 -19.23 12.08
N SER C 255 -1.22 -18.17 11.51
N SER C 255 -1.22 -18.18 11.44
CA SER C 255 -0.47 -16.94 11.40
CA SER C 255 -0.50 -16.94 11.17
C SER C 255 -1.42 -15.80 11.47
C SER C 255 -1.45 -15.78 11.43
N LEU C 256 -0.89 -14.69 11.96
CA LEU C 256 -1.71 -13.53 12.36
C LEU C 256 -0.95 -12.23 12.22
N THR C 257 -1.61 -11.22 11.64
CA THR C 257 -1.06 -9.89 11.57
C THR C 257 -2.14 -8.91 11.99
N VAL C 258 -1.79 -8.02 12.92
CA VAL C 258 -2.72 -6.99 13.38
C VAL C 258 -2.03 -5.64 13.11
N TYR C 259 -2.69 -4.77 12.37
CA TYR C 259 -2.08 -3.48 12.06
C TYR C 259 -3.15 -2.41 12.35
N ALA C 260 -2.88 -1.50 13.29
CA ALA C 260 -3.87 -0.42 13.58
C ALA C 260 -3.29 0.91 13.15
N ARG C 261 -4.16 1.77 12.67
CA ARG C 261 -3.79 3.11 12.21
C ARG C 261 -4.64 4.09 12.98
N TYR C 262 -4.02 4.81 13.90
CA TYR C 262 -4.75 5.74 14.76
C TYR C 262 -4.71 7.18 14.29
N THR C 263 -5.73 7.97 14.66
CA THR C 263 -5.65 9.40 14.35
C THR C 263 -4.61 10.09 15.25
N ARG C 264 -4.00 11.14 14.74
CA ARG C 264 -3.01 11.86 15.52
C ARG C 264 -3.54 12.53 16.78
N ARG C 265 -2.60 12.65 17.71
CA ARG C 265 -2.82 13.44 18.92
C ARG C 265 -1.57 14.31 19.06
N GLY C 266 -1.76 15.60 19.24
CA GLY C 266 -0.65 16.53 19.32
C GLY C 266 0.26 16.50 18.11
N GLY C 267 -0.35 16.27 16.95
CA GLY C 267 0.36 16.38 15.68
C GLY C 267 1.12 15.15 15.29
N LEU C 268 1.08 14.11 16.10
CA LEU C 268 1.70 12.89 15.66
C LEU C 268 0.79 11.68 15.80
N ASP C 269 0.86 10.76 14.84
CA ASP C 269 0.11 9.52 14.96
C ASP C 269 0.99 8.29 15.09
N ILE C 270 0.37 7.23 15.63
N ILE C 270 0.37 7.21 15.54
CA ILE C 270 1.03 5.92 15.89
CA ILE C 270 1.12 5.99 15.74
C ILE C 270 0.28 4.84 15.14
C ILE C 270 0.31 4.82 15.21
N ASN C 271 1.03 3.89 14.58
CA ASN C 271 0.43 2.88 13.76
C ASN C 271 1.17 1.59 14.09
N PRO C 272 0.77 0.91 15.20
CA PRO C 272 1.49 -0.29 15.64
C PRO C 272 1.14 -1.46 14.72
N PHE C 273 2.18 -2.19 14.37
CA PHE C 273 2.07 -3.36 13.51
C PHE C 273 2.63 -4.56 14.26
N ARG C 274 1.84 -5.67 14.37
CA ARG C 274 2.34 -6.87 15.09
C ARG C 274 1.96 -8.08 14.30
N SER C 275 2.94 -8.95 14.08
CA SER C 275 2.74 -10.08 13.14
C SER C 275 3.46 -11.30 13.63
N SER C 276 2.90 -12.48 13.37
CA SER C 276 3.63 -13.67 13.74
C SER C 276 4.80 -13.87 12.77
N HIS C 277 4.70 -13.41 11.53
CA HIS C 277 5.76 -13.65 10.52
C HIS C 277 6.36 -12.46 9.78
N GLN C 278 5.71 -11.30 9.82
CA GLN C 278 6.17 -10.17 9.06
C GLN C 278 6.79 -9.17 9.99
N SER C 279 7.78 -8.42 9.51
CA SER C 279 8.47 -7.51 10.40
C SER C 279 8.06 -6.06 10.18
N ALA C 280 7.37 -5.76 9.07
CA ALA C 280 6.88 -4.38 8.81
C ALA C 280 5.73 -4.50 7.81
N PRO C 281 4.83 -3.53 7.81
CA PRO C 281 3.77 -3.52 6.78
C PRO C 281 4.36 -3.14 5.41
N ASN C 282 3.72 -3.55 4.31
CA ASN C 282 4.28 -3.29 2.98
C ASN C 282 3.59 -2.11 2.39
N HIS C 283 3.03 -1.27 3.26
CA HIS C 283 2.50 0.03 2.85
C HIS C 283 2.38 0.91 4.08
N ASN C 284 2.47 2.20 3.85
CA ASN C 284 2.35 3.19 4.91
C ASN C 284 1.74 4.41 4.24
N GLN C 285 0.42 4.46 4.30
N GLN C 285 0.43 4.43 4.15
CA GLN C 285 -0.41 5.42 3.55
CA GLN C 285 -0.26 5.60 3.61
C GLN C 285 -1.51 5.89 4.50
C GLN C 285 -1.35 5.96 4.58
N ARG C 286 -1.81 7.20 4.50
CA ARG C 286 -2.74 7.67 5.50
C ARG C 286 -4.18 7.33 5.13
N ALA C 288 -8.52 8.00 6.00
CA ALA C 288 -9.38 9.20 5.92
C ALA C 288 -9.32 10.09 7.17
N ARG C 289 -9.36 9.44 8.35
CA ARG C 289 -9.38 10.24 9.56
C ARG C 289 -8.01 10.67 10.01
N GLN C 290 -6.96 10.12 9.42
CA GLN C 290 -5.60 10.44 9.85
C GLN C 290 -5.17 11.76 9.24
N ASN D 32 -19.26 12.39 29.44
N ASN D 32 -19.52 11.93 29.60
CA ASN D 32 -20.56 13.03 29.27
CA ASN D 32 -20.58 12.90 29.32
C ASN D 32 -21.15 12.88 27.88
C ASN D 32 -21.16 12.86 27.90
N GLN D 33 -22.47 12.97 27.81
CA GLN D 33 -23.18 12.77 26.57
C GLN D 33 -23.57 14.15 26.02
N TYR D 34 -24.30 14.13 24.90
CA TYR D 34 -24.60 15.33 24.11
C TYR D 34 -24.82 16.53 24.97
N ASP D 35 -24.06 17.58 24.67
CA ASP D 35 -24.18 18.79 25.48
C ASP D 35 -23.85 20.06 24.67
N PRO D 36 -24.87 20.64 24.06
CA PRO D 36 -24.65 21.82 23.21
C PRO D 36 -24.16 23.02 24.05
N SER D 37 -24.32 22.98 25.35
CA SER D 37 -23.87 24.09 26.17
C SER D 37 -22.32 24.18 26.15
N LEU D 38 -21.64 23.10 25.72
CA LEU D 38 -20.17 23.16 25.65
C LEU D 38 -19.64 24.15 24.62
N LEU D 39 -20.43 24.46 23.60
CA LEU D 39 -19.95 25.37 22.55
C LEU D 39 -19.74 26.75 23.10
N GLN D 40 -18.65 27.39 22.69
CA GLN D 40 -18.28 28.69 23.21
C GLN D 40 -18.23 29.67 22.01
N PRO D 41 -19.23 30.55 21.93
CA PRO D 41 -19.10 31.57 20.87
C PRO D 41 -18.10 32.63 21.25
N VAL D 42 -17.45 33.24 20.25
CA VAL D 42 -16.63 34.43 20.49
C VAL D 42 -17.05 35.50 19.47
N PRO D 43 -17.43 36.68 19.92
CA PRO D 43 -17.85 37.70 18.94
C PRO D 43 -16.71 38.03 17.99
N ARG D 44 -16.99 38.01 16.69
CA ARG D 44 -15.98 38.44 15.72
C ARG D 44 -15.57 39.88 15.93
N SER D 45 -16.47 40.75 16.42
CA SER D 45 -16.11 42.17 16.65
C SER D 45 -14.99 42.35 17.68
N LEU D 46 -14.83 41.37 18.56
CA LEU D 46 -13.85 41.47 19.65
C LEU D 46 -12.45 41.66 19.09
N ASN D 47 -12.08 40.88 18.09
CA ASN D 47 -10.78 41.13 17.52
C ASN D 47 -10.77 42.01 16.30
N ARG D 48 -11.89 42.10 15.58
CA ARG D 48 -11.94 43.05 14.48
C ARG D 48 -11.76 44.50 14.93
N ASN D 49 -12.17 44.79 16.16
CA ASN D 49 -12.03 46.15 16.69
C ASN D 49 -10.59 46.67 16.59
N ASP D 50 -9.62 45.82 16.87
CA ASP D 50 -8.23 46.20 16.70
C ASP D 50 -7.78 46.46 15.24
N LEU D 51 -8.47 45.88 14.26
CA LEU D 51 -8.14 46.13 12.85
C LEU D 51 -8.64 47.47 12.34
N HIS D 52 -9.46 48.14 13.13
CA HIS D 52 -10.05 49.40 12.73
C HIS D 52 -10.79 49.41 11.45
N LEU D 53 -11.67 48.48 11.28
CA LEU D 53 -12.37 48.33 10.02
C LEU D 53 -13.35 49.45 9.69
N SER D 54 -13.69 49.62 8.43
CA SER D 54 -14.75 50.53 8.10
C SER D 54 -16.03 49.78 8.41
N ALA D 55 -17.11 50.50 8.65
CA ALA D 55 -18.33 49.89 9.17
C ALA D 55 -18.81 48.80 8.27
N THR D 56 -18.70 49.04 6.98
CA THR D 56 -18.82 48.05 5.93
C THR D 56 -17.59 47.11 5.96
N LEU D 57 -17.77 45.83 6.31
CA LEU D 57 -16.63 44.88 6.22
C LEU D 57 -15.97 44.93 4.85
N PRO D 58 -14.63 44.99 4.80
CA PRO D 58 -13.90 45.07 3.52
C PRO D 58 -13.68 43.70 2.83
N PHE D 59 -14.13 42.64 3.48
CA PHE D 59 -13.99 41.32 2.92
C PHE D 59 -15.28 40.56 3.09
N GLN D 60 -15.37 39.46 2.35
CA GLN D 60 -16.42 38.48 2.54
C GLN D 60 -15.70 37.16 2.64
N GLY D 61 -16.42 36.11 2.94
CA GLY D 61 -15.78 34.78 3.02
C GLY D 61 -16.41 33.87 4.03
N CYS D 62 -15.61 32.93 4.50
CA CYS D 62 -16.15 31.89 5.36
C CYS D 62 -15.03 31.19 6.08
N ASP D 63 -15.40 30.49 7.14
CA ASP D 63 -14.43 29.65 7.86
C ASP D 63 -14.85 28.22 7.61
N ILE D 64 -14.02 27.46 6.94
CA ILE D 64 -14.34 26.05 6.69
C ILE D 64 -13.58 25.17 7.68
N TRP D 65 -14.31 24.33 8.40
CA TRP D 65 -13.75 23.43 9.38
C TRP D 65 -13.88 21.97 8.90
N THR D 66 -12.83 21.19 9.14
CA THR D 66 -12.97 19.75 8.91
C THR D 66 -12.95 19.07 10.27
N LEU D 67 -13.92 18.18 10.46
CA LEU D 67 -14.11 17.45 11.71
C LEU D 67 -13.71 15.98 11.48
N TYR D 68 -12.48 15.67 11.79
CA TYR D 68 -11.94 14.34 11.41
C TYR D 68 -12.37 13.26 12.39
N GLU D 69 -12.97 13.61 13.51
N GLU D 69 -12.78 13.73 13.59
CA GLU D 69 -13.17 12.54 14.53
CA GLU D 69 -13.09 12.89 14.79
C GLU D 69 -14.61 12.39 14.94
C GLU D 69 -14.60 12.59 15.02
N LEU D 70 -15.50 12.77 14.07
N LEU D 70 -15.48 12.85 14.05
CA LEU D 70 -16.93 12.76 14.37
CA LEU D 70 -16.93 12.64 14.32
C LEU D 70 -17.40 11.31 14.55
C LEU D 70 -17.26 11.20 14.62
N SER D 71 -17.94 10.98 15.73
CA SER D 71 -18.36 9.63 16.03
C SER D 71 -19.46 9.65 17.08
N TRP D 72 -20.42 8.75 16.92
CA TRP D 72 -21.54 8.67 17.83
C TRP D 72 -22.01 7.21 17.85
N LEU D 73 -23.12 6.92 18.54
CA LEU D 73 -23.69 5.57 18.57
C LEU D 73 -25.02 5.57 17.84
N ASN D 74 -25.28 4.50 17.07
CA ASN D 74 -26.59 4.36 16.46
C ASN D 74 -27.62 3.96 17.52
N GLN D 75 -28.87 3.67 17.11
N GLN D 75 -28.85 3.71 17.07
CA GLN D 75 -29.91 3.51 18.11
CA GLN D 75 -29.98 3.42 17.94
C GLN D 75 -29.85 2.12 18.79
C GLN D 75 -29.69 2.22 18.84
N LYS D 76 -28.96 1.26 18.28
CA LYS D 76 -28.70 -0.01 18.91
C LYS D 76 -27.37 -0.03 19.63
N GLY D 77 -26.70 1.11 19.66
CA GLY D 77 -25.50 1.28 20.42
C GLY D 77 -24.22 0.98 19.66
N LEU D 78 -24.32 0.71 18.36
CA LEU D 78 -23.11 0.41 17.58
C LEU D 78 -22.46 1.73 17.12
N PRO D 79 -21.14 1.90 17.34
CA PRO D 79 -20.49 3.15 16.95
C PRO D 79 -20.55 3.41 15.44
N GLN D 80 -20.69 4.68 15.11
CA GLN D 80 -20.64 5.20 13.74
C GLN D 80 -19.48 6.18 13.68
N VAL D 81 -18.83 6.29 12.50
CA VAL D 81 -17.71 7.21 12.33
C VAL D 81 -17.90 7.93 11.02
N ALA D 82 -17.53 9.21 11.04
CA ALA D 82 -17.74 10.06 9.89
C ALA D 82 -16.76 11.21 9.90
N ILE D 83 -16.66 11.91 8.77
CA ILE D 83 -15.90 13.16 8.71
C ILE D 83 -16.89 14.26 8.40
N GLY D 84 -16.87 15.30 9.23
CA GLY D 84 -17.72 16.47 9.02
C GLY D 84 -17.02 17.61 8.30
N GLU D 85 -17.79 18.30 7.48
N GLU D 85 -17.76 18.33 7.45
CA GLU D 85 -17.34 19.54 6.85
CA GLU D 85 -17.21 19.53 6.80
C GLU D 85 -18.31 20.62 7.30
C GLU D 85 -18.22 20.69 7.01
N VAL D 86 -17.76 21.75 7.73
CA VAL D 86 -18.58 22.85 8.23
C VAL D 86 -18.16 24.14 7.54
N SER D 87 -19.10 24.95 7.12
CA SER D 87 -18.75 26.28 6.63
C SER D 87 -19.50 27.28 7.44
N ILE D 88 -18.75 28.17 8.07
CA ILE D 88 -19.35 29.27 8.87
C ILE D 88 -19.15 30.60 8.13
N PRO D 89 -20.24 31.33 7.84
CA PRO D 89 -20.06 32.59 7.10
C PRO D 89 -19.22 33.58 7.91
N ALA D 90 -18.35 34.31 7.21
CA ALA D 90 -17.54 35.33 7.87
C ALA D 90 -18.35 36.49 8.40
N THR D 91 -19.63 36.61 7.98
CA THR D 91 -20.53 37.64 8.49
C THR D 91 -21.25 37.20 9.76
N SER D 92 -21.03 35.94 10.19
CA SER D 92 -21.68 35.53 11.43
C SER D 92 -21.22 36.39 12.61
N ALA D 93 -22.13 36.64 13.55
CA ALA D 93 -21.75 37.47 14.68
C ALA D 93 -20.55 36.87 15.43
N ASN D 94 -20.54 35.53 15.54
CA ASN D 94 -19.57 34.84 16.36
C ASN D 94 -18.78 33.80 15.60
N LEU D 95 -17.54 33.63 16.02
CA LEU D 95 -16.79 32.43 15.67
C LEU D 95 -17.02 31.43 16.80
N ILE D 96 -16.62 30.20 16.54
CA ILE D 96 -16.75 29.15 17.58
C ILE D 96 -15.34 28.80 18.05
N GLU D 97 -15.14 28.88 19.37
CA GLU D 97 -13.79 28.66 19.92
C GLU D 97 -13.45 27.16 19.76
N SER D 98 -12.25 26.87 19.29
CA SER D 98 -11.95 25.48 18.84
C SER D 98 -11.95 24.38 19.88
N LYS D 99 -11.43 24.66 21.06
CA LYS D 99 -11.46 23.64 22.13
C LYS D 99 -12.92 23.32 22.46
N SER D 100 -13.76 24.35 22.53
CA SER D 100 -15.17 24.09 22.85
C SER D 100 -15.86 23.29 21.76
N PHE D 101 -15.45 23.51 20.52
CA PHE D 101 -16.03 22.81 19.39
C PHE D 101 -15.61 21.31 19.54
N LYS D 102 -14.35 21.06 19.84
N LYS D 102 -14.33 21.06 19.85
CA LYS D 102 -13.89 19.68 20.07
CA LYS D 102 -13.85 19.70 20.12
C LYS D 102 -14.69 19.01 21.22
C LYS D 102 -14.69 19.02 21.21
N LEU D 103 -14.86 19.70 22.36
CA LEU D 103 -15.54 19.08 23.49
C LEU D 103 -17.00 18.81 23.15
N TYR D 104 -17.62 19.75 22.42
CA TYR D 104 -18.97 19.55 21.94
C TYR D 104 -19.09 18.30 21.05
N LEU D 105 -18.18 18.16 20.09
CA LEU D 105 -18.18 16.94 19.26
C LEU D 105 -17.95 15.67 20.09
N ASN D 106 -17.05 15.72 21.09
CA ASN D 106 -16.81 14.56 21.92
C ASN D 106 -18.11 14.14 22.62
N SER D 107 -18.99 15.12 22.89
CA SER D 107 -20.20 14.75 23.63
C SER D 107 -21.14 13.87 22.81
N TYR D 108 -20.92 13.78 21.52
CA TYR D 108 -21.68 12.87 20.67
C TYR D 108 -21.21 11.43 20.83
N ASN D 109 -19.98 11.23 21.32
CA ASN D 109 -19.34 9.91 21.13
C ASN D 109 -20.09 8.78 21.81
N GLN D 110 -20.64 9.01 22.98
CA GLN D 110 -21.35 7.95 23.69
C GLN D 110 -22.86 8.20 23.67
N THR D 111 -23.30 9.03 22.74
CA THR D 111 -24.73 9.32 22.60
C THR D 111 -25.36 8.55 21.43
N ARG D 112 -26.51 7.93 21.70
CA ARG D 112 -27.25 7.25 20.65
C ARG D 112 -28.13 8.22 19.85
N PHE D 113 -28.02 8.13 18.53
CA PHE D 113 -28.86 8.90 17.60
C PHE D 113 -29.54 7.94 16.63
N ALA D 114 -30.77 8.28 16.26
CA ALA D 114 -31.60 7.47 15.43
C ALA D 114 -31.08 7.30 14.00
N SER D 115 -30.37 8.31 13.49
CA SER D 115 -29.95 8.26 12.10
C SER D 115 -28.83 9.25 11.88
N TRP D 116 -28.12 9.09 10.76
CA TRP D 116 -27.12 10.06 10.35
C TRP D 116 -27.75 11.40 10.04
N ASP D 117 -28.97 11.38 9.51
N ASP D 117 -28.97 11.40 9.52
CA ASP D 117 -29.73 12.58 9.24
CA ASP D 117 -29.61 12.67 9.22
C ASP D 117 -29.79 13.40 10.52
C ASP D 117 -29.88 13.45 10.52
N GLU D 118 -30.19 12.76 11.62
CA GLU D 118 -30.38 13.46 12.89
C GLU D 118 -29.09 14.14 13.35
N VAL D 119 -27.95 13.47 13.22
CA VAL D 119 -26.69 14.03 13.63
C VAL D 119 -26.37 15.29 12.80
N GLN D 120 -26.55 15.18 11.47
N GLN D 120 -26.53 15.19 11.48
CA GLN D 120 -26.33 16.32 10.59
CA GLN D 120 -26.28 16.35 10.63
C GLN D 120 -27.22 17.49 10.96
C GLN D 120 -27.22 17.51 10.95
N THR D 121 -28.48 17.20 11.23
CA THR D 121 -29.47 18.24 11.57
C THR D 121 -29.12 18.91 12.90
N ARG D 122 -28.70 18.14 13.88
CA ARG D 122 -28.33 18.75 15.16
C ARG D 122 -27.06 19.58 15.03
N LEU D 123 -26.08 19.11 14.25
CA LEU D 123 -24.88 19.90 14.03
C LEU D 123 -25.28 21.24 13.40
N VAL D 124 -26.10 21.21 12.35
CA VAL D 124 -26.52 22.50 11.76
C VAL D 124 -27.19 23.40 12.79
N HIS D 125 -28.15 22.84 13.53
CA HIS D 125 -28.87 23.66 14.49
C HIS D 125 -27.96 24.30 15.55
N ASP D 126 -27.10 23.47 16.14
CA ASP D 126 -26.32 23.93 17.29
C ASP D 126 -25.21 24.87 16.84
N LEU D 127 -24.56 24.54 15.73
CA LEU D 127 -23.45 25.38 15.25
C LEU D 127 -23.98 26.70 14.70
N SER D 128 -25.15 26.66 14.05
CA SER D 128 -25.76 27.91 13.62
C SER D 128 -26.19 28.82 14.80
N ALA D 129 -26.75 28.21 15.83
CA ALA D 129 -27.15 28.99 16.98
C ALA D 129 -25.94 29.63 17.63
N CYS D 130 -24.83 28.89 17.71
CA CYS D 130 -23.61 29.44 18.29
C CYS D 130 -23.05 30.58 17.44
N ALA D 131 -22.96 30.37 16.13
CA ALA D 131 -22.32 31.36 15.27
C ALA D 131 -23.22 32.58 15.09
N GLY D 132 -24.55 32.37 15.17
CA GLY D 132 -25.48 33.47 14.95
C GLY D 132 -25.97 33.62 13.52
N GLU D 133 -25.56 32.69 12.66
CA GLU D 133 -25.94 32.71 11.28
C GLU D 133 -25.96 31.26 10.83
N THR D 134 -26.79 30.94 9.86
CA THR D 134 -26.85 29.56 9.34
C THR D 134 -25.48 29.04 8.86
N VAL D 135 -25.05 27.91 9.38
N VAL D 135 -25.12 27.89 9.40
CA VAL D 135 -23.84 27.28 8.86
CA VAL D 135 -23.87 27.16 9.18
C VAL D 135 -24.26 26.11 8.00
C VAL D 135 -24.16 25.90 8.35
N THR D 136 -23.35 25.66 7.16
N THR D 136 -23.35 25.66 7.31
CA THR D 136 -23.59 24.43 6.42
CA THR D 136 -23.49 24.49 6.43
C THR D 136 -22.75 23.31 7.02
C THR D 136 -22.71 23.30 6.96
N VAL D 137 -23.34 22.12 7.02
CA VAL D 137 -22.66 20.94 7.53
C VAL D 137 -22.89 19.75 6.62
N ASN D 138 -21.77 19.12 6.25
N ASN D 138 -21.83 19.06 6.24
CA ASN D 138 -21.74 17.82 5.57
CA ASN D 138 -22.00 17.81 5.50
C ASN D 138 -21.29 16.76 6.56
C ASN D 138 -21.25 16.70 6.22
N VAL D 139 -22.00 15.64 6.60
CA VAL D 139 -21.51 14.51 7.38
C VAL D 139 -21.30 13.38 6.37
N LYS D 140 -20.04 13.02 6.17
CA LYS D 140 -19.66 12.14 5.10
C LYS D 140 -19.10 10.84 5.68
N SER D 141 -19.50 9.73 5.08
CA SER D 141 -18.94 8.45 5.48
C SER D 141 -17.46 8.35 5.05
N LEU D 142 -16.72 7.51 5.79
CA LEU D 142 -15.30 7.43 5.50
C LEU D 142 -14.99 6.97 4.08
N ASN D 143 -15.85 6.14 3.51
N ASN D 143 -15.84 6.14 3.49
CA ASN D 143 -15.61 5.68 2.16
CA ASN D 143 -15.57 5.68 2.14
C ASN D 143 -15.58 6.80 1.09
C ASN D 143 -15.58 6.80 1.08
N GLU D 144 -16.18 7.95 1.41
CA GLU D 144 -16.25 9.06 0.48
C GLU D 144 -14.88 9.64 0.30
N TYR D 145 -13.96 9.28 1.18
CA TYR D 145 -12.60 9.83 1.09
C TYR D 145 -11.61 8.94 0.41
N THR D 146 -11.99 7.69 0.12
CA THR D 146 -11.03 6.78 -0.52
C THR D 146 -10.61 7.36 -1.87
N ALA D 147 -9.30 7.46 -2.05
CA ALA D 147 -8.67 8.02 -3.27
C ALA D 147 -8.72 9.53 -3.41
N GLU D 148 -9.28 10.22 -2.42
CA GLU D 148 -9.24 11.69 -2.45
C GLU D 148 -7.79 12.13 -2.28
N PRO D 149 -7.43 13.27 -2.91
CA PRO D 149 -6.03 13.65 -2.95
C PRO D 149 -5.60 14.51 -1.79
N ILE D 150 -4.33 14.38 -1.48
CA ILE D 150 -3.67 15.42 -0.72
C ILE D 150 -3.28 16.51 -1.76
N VAL D 151 -3.55 17.78 -1.44
CA VAL D 151 -3.28 18.86 -2.39
C VAL D 151 -2.31 19.87 -1.82
N THR D 152 -1.73 20.62 -2.77
CA THR D 152 -0.99 21.85 -2.41
C THR D 152 -1.84 23.07 -2.72
N GLN D 154 -2.43 26.94 -4.79
N GLN D 154 -2.42 26.95 -4.78
CA GLN D 154 -2.24 27.51 -6.11
CA GLN D 154 -2.21 27.52 -6.10
C GLN D 154 -1.04 28.44 -6.18
C GLN D 154 -1.01 28.44 -6.16
N GLY D 155 -0.51 28.61 -7.37
CA GLY D 155 0.50 29.62 -7.59
C GLY D 155 1.88 29.26 -7.15
N GLU D 156 2.70 30.28 -6.95
N GLU D 156 2.70 30.28 -6.93
CA GLU D 156 4.11 30.13 -6.64
CA GLU D 156 4.10 30.14 -6.61
C GLU D 156 4.34 30.09 -5.14
C GLU D 156 4.35 30.10 -5.12
N CYS D 157 5.06 29.08 -4.66
CA CYS D 157 5.49 29.05 -3.25
C CYS D 157 6.60 30.06 -3.09
N ILE D 158 6.51 30.91 -2.05
CA ILE D 158 7.54 31.89 -1.83
C ILE D 158 8.56 31.52 -0.78
N ASP D 159 8.55 30.26 -0.35
CA ASP D 159 9.38 29.94 0.80
C ASP D 159 10.86 29.70 0.56
N ASP D 160 11.22 29.39 -0.67
CA ASP D 160 12.58 29.02 -0.99
C ASP D 160 13.36 30.28 -1.31
N GLN D 161 13.66 31.06 -0.27
CA GLN D 161 14.43 32.31 -0.43
C GLN D 161 15.73 32.21 0.31
N ASP D 162 16.74 32.90 -0.21
CA ASP D 162 18.01 32.99 0.45
C ASP D 162 18.03 34.33 1.17
N ILE D 163 17.44 34.31 2.36
CA ILE D 163 17.39 35.47 3.24
C ILE D 163 17.66 34.96 4.64
N GLU D 164 18.14 35.82 5.50
CA GLU D 164 18.26 35.54 6.93
C GLU D 164 17.13 36.16 7.73
N ILE D 165 16.52 35.35 8.59
CA ILE D 165 15.58 35.85 9.58
C ILE D 165 16.13 35.57 10.98
N ALA D 166 16.11 36.58 11.84
CA ALA D 166 16.59 36.42 13.21
C ALA D 166 15.63 37.04 14.25
N ASN D 167 14.83 38.00 13.82
CA ASN D 167 13.90 38.66 14.74
C ASN D 167 12.50 38.25 14.31
N TYR D 168 11.82 37.44 15.13
CA TYR D 168 10.51 36.84 14.78
C TYR D 168 9.35 37.67 15.37
N GLU D 169 9.63 38.85 15.91
CA GLU D 169 8.55 39.63 16.50
C GLU D 169 7.59 40.18 15.42
N PHE D 170 6.31 40.28 15.74
CA PHE D 170 5.35 40.68 14.71
C PHE D 170 5.64 42.12 14.27
N ASP D 171 5.59 42.35 12.96
CA ASP D 171 5.90 43.66 12.43
C ASP D 171 5.14 43.93 11.15
N ASP D 172 3.96 44.56 11.24
CA ASP D 172 3.22 44.83 10.00
C ASP D 172 3.95 45.79 9.08
N ALA D 173 4.89 46.55 9.65
CA ALA D 173 5.59 47.56 8.85
C ALA D 173 6.59 46.92 7.88
N LEU D 174 6.79 45.62 8.01
CA LEU D 174 7.57 44.91 7.00
C LEU D 174 6.91 45.04 5.63
N LEU D 175 5.59 45.35 5.59
CA LEU D 175 4.91 45.51 4.30
C LEU D 175 5.00 46.93 3.74
N GLN D 176 5.65 47.84 4.46
CA GLN D 176 5.72 49.23 3.97
C GLN D 176 6.45 49.28 2.63
N GLY D 177 5.79 49.84 1.62
CA GLY D 177 6.39 49.89 0.30
C GLY D 177 6.65 48.54 -0.37
N ALA D 178 5.99 47.49 0.08
CA ALA D 178 6.16 46.17 -0.48
C ALA D 178 5.58 45.98 -1.88
N ALA D 179 4.73 46.87 -2.36
CA ALA D 179 4.07 46.61 -3.64
C ALA D 179 4.40 47.77 -4.55
N GLN D 180 5.49 47.63 -5.27
CA GLN D 180 6.02 48.70 -6.09
C GLN D 180 6.04 48.34 -7.56
N GLY D 181 5.88 47.05 -7.83
CA GLY D 181 6.08 46.48 -9.13
C GLY D 181 4.97 46.84 -10.08
N GLU D 182 5.08 46.37 -11.32
N GLU D 182 5.08 46.27 -11.29
CA GLU D 182 4.05 46.68 -12.32
CA GLU D 182 4.11 46.44 -12.37
C GLU D 182 2.79 45.94 -11.91
C GLU D 182 2.78 45.85 -11.93
N GLU D 183 1.66 46.34 -12.49
CA GLU D 183 0.37 45.76 -12.19
C GLU D 183 0.35 44.35 -12.70
N VAL D 184 0.03 43.39 -11.85
CA VAL D 184 0.00 41.98 -12.24
C VAL D 184 -1.18 41.31 -11.55
N SER D 185 -1.57 40.15 -12.08
CA SER D 185 -2.38 39.21 -11.33
C SER D 185 -1.49 38.04 -10.97
N GLU D 186 -1.42 37.71 -9.69
CA GLU D 186 -0.71 36.50 -9.33
C GLU D 186 -1.24 35.84 -8.11
N VAL D 187 -0.81 34.59 -7.92
CA VAL D 187 -1.15 33.83 -6.71
C VAL D 187 0.16 33.37 -6.07
N LEU D 188 0.31 33.62 -4.77
CA LEU D 188 1.51 33.28 -4.01
C LEU D 188 1.09 32.40 -2.84
N HIS D 189 1.94 31.50 -2.39
CA HIS D 189 1.61 30.84 -1.15
C HIS D 189 2.85 30.57 -0.30
N SER D 190 2.60 30.31 0.98
CA SER D 190 3.66 29.97 1.92
C SER D 190 3.15 28.87 2.82
N HIS D 191 4.07 28.00 3.20
CA HIS D 191 3.75 26.95 4.21
C HIS D 191 4.27 27.32 5.62
N LEU D 192 4.72 28.57 5.78
CA LEU D 192 5.49 28.95 6.98
C LEU D 192 4.74 29.71 8.02
N LEU D 193 3.44 29.71 7.92
N LEU D 193 3.40 29.72 7.94
CA LEU D 193 2.67 30.37 8.93
CA LEU D 193 2.63 30.25 9.07
C LEU D 193 2.65 29.55 10.25
C LEU D 193 2.72 29.44 10.33
N LYS D 194 3.03 30.15 11.39
CA LYS D 194 3.01 29.52 12.69
C LYS D 194 2.57 30.59 13.66
N SER D 195 1.75 30.20 14.62
CA SER D 195 1.21 31.16 15.56
C SER D 195 1.37 30.55 16.90
N ASN D 196 1.96 31.31 17.83
CA ASN D 196 2.07 30.82 19.20
C ASN D 196 0.83 31.07 20.05
N GLN D 202 0.94 26.33 22.95
CA GLN D 202 1.34 25.31 21.99
C GLN D 202 1.23 25.82 20.57
N PRO D 203 2.16 25.38 19.69
CA PRO D 203 2.12 26.06 18.40
C PRO D 203 1.03 25.55 17.47
N ASP D 204 0.48 26.45 16.67
CA ASP D 204 -0.37 26.09 15.55
C ASP D 204 0.32 26.41 14.24
N TRP D 205 -0.08 25.70 13.17
CA TRP D 205 0.67 25.64 11.93
C TRP D 205 -0.25 25.81 10.75
N GLY D 206 0.15 26.59 9.75
CA GLY D 206 -0.69 26.77 8.59
C GLY D 206 0.06 27.10 7.33
N SER D 207 -0.64 26.85 6.22
CA SER D 207 -0.20 27.37 4.89
C SER D 207 -1.19 28.45 4.47
N VAL D 208 -0.72 29.41 3.67
CA VAL D 208 -1.55 30.53 3.31
C VAL D 208 -1.35 30.90 1.82
N GLU D 209 -2.46 31.13 1.15
CA GLU D 209 -2.53 31.39 -0.27
C GLU D 209 -3.09 32.83 -0.45
N ILE D 210 -2.30 33.64 -1.14
CA ILE D 210 -2.64 35.03 -1.36
C ILE D 210 -2.77 35.31 -2.87
N ALA D 211 -3.97 35.65 -3.31
CA ALA D 211 -4.19 35.90 -4.75
C ALA D 211 -4.57 37.35 -4.89
N TYR D 212 -3.96 38.08 -5.83
CA TYR D 212 -4.27 39.48 -5.90
C TYR D 212 -4.05 40.01 -7.29
N HIS D 213 -4.66 41.17 -7.55
CA HIS D 213 -4.34 41.95 -8.73
C HIS D 213 -3.96 43.34 -8.23
N GLY D 214 -2.76 43.78 -8.59
CA GLY D 214 -2.25 45.03 -8.06
C GLY D 214 -0.78 45.16 -8.40
N ALA D 215 -0.14 46.19 -7.88
CA ALA D 215 1.30 46.37 -8.04
C ALA D 215 1.98 45.14 -7.46
N LYS D 216 2.97 44.61 -8.19
CA LYS D 216 3.63 43.35 -7.78
C LYS D 216 4.28 43.42 -6.40
N ASN D 218 6.69 42.46 -3.25
CA ASN D 218 8.05 42.02 -2.93
C ASN D 218 7.96 40.76 -2.07
N ARG D 219 8.48 39.68 -2.62
CA ARG D 219 8.31 38.38 -1.94
C ARG D 219 9.12 38.28 -0.67
N GLU D 220 10.27 38.94 -0.60
CA GLU D 220 11.03 38.94 0.63
C GLU D 220 10.27 39.63 1.78
N ALA D 221 9.70 40.80 1.50
CA ALA D 221 8.88 41.51 2.48
C ALA D 221 7.68 40.66 2.93
N LEU D 222 7.02 40.06 1.97
CA LEU D 222 5.83 39.26 2.29
C LEU D 222 6.22 38.07 3.16
N LEU D 223 7.29 37.36 2.77
CA LEU D 223 7.69 36.23 3.60
C LEU D 223 8.12 36.65 5.02
N ARG D 224 8.92 37.72 5.15
CA ARG D 224 9.29 38.18 6.49
C ARG D 224 8.05 38.54 7.32
N TYR D 225 7.08 39.20 6.68
CA TYR D 225 5.83 39.58 7.37
C TYR D 225 5.10 38.33 7.87
N LEU D 226 4.96 37.33 7.00
CA LEU D 226 4.26 36.11 7.42
C LEU D 226 4.99 35.36 8.54
N VAL D 227 6.33 35.33 8.45
CA VAL D 227 7.12 34.63 9.46
C VAL D 227 6.98 35.36 10.80
N SER D 228 6.71 36.67 10.74
CA SER D 228 6.61 37.45 11.99
C SER D 228 5.36 37.14 12.83
N PHE D 229 4.43 36.36 12.29
CA PHE D 229 3.31 35.91 13.12
C PHE D 229 3.70 34.88 14.19
N ARG D 230 4.91 34.36 14.12
CA ARG D 230 5.39 33.49 15.19
C ARG D 230 5.34 34.20 16.55
N GLU D 231 5.36 35.52 16.55
CA GLU D 231 5.38 36.29 17.78
C GLU D 231 4.20 37.24 17.97
N HIS D 232 3.04 36.73 17.57
CA HIS D 232 1.77 37.39 17.69
C HIS D 232 0.96 36.43 18.49
N ASN D 233 -0.20 36.85 19.00
CA ASN D 233 -1.12 35.90 19.59
C ASN D 233 -2.49 36.19 18.99
N GLU D 234 -3.13 35.19 18.40
CA GLU D 234 -4.41 35.43 17.74
C GLU D 234 -5.07 34.17 17.17
N PHE D 235 -6.40 34.17 17.12
CA PHE D 235 -7.15 33.08 16.52
C PHE D 235 -6.72 32.88 15.06
N HIS D 236 -6.92 31.70 14.48
CA HIS D 236 -6.57 31.52 13.05
C HIS D 236 -7.37 32.47 12.15
N GLU D 237 -8.66 32.62 12.44
CA GLU D 237 -9.51 33.51 11.63
C GLU D 237 -8.98 34.92 11.74
N GLN D 238 -8.52 35.26 12.93
N GLN D 238 -8.55 35.30 12.93
CA GLN D 238 -7.98 36.58 13.20
CA GLN D 238 -8.05 36.65 13.08
C GLN D 238 -6.71 36.88 12.45
C GLN D 238 -6.72 36.89 12.38
N CYS D 239 -5.85 35.88 12.29
N CYS D 239 -5.86 35.89 12.32
CA CYS D 239 -4.62 36.08 11.55
CA CYS D 239 -4.62 36.05 11.56
C CYS D 239 -4.91 36.28 10.06
C CYS D 239 -4.96 36.34 10.09
N VAL D 240 -5.89 35.57 9.52
CA VAL D 240 -6.24 35.74 8.11
C VAL D 240 -6.81 37.13 7.88
N GLU D 241 -7.67 37.57 8.82
CA GLU D 241 -8.20 38.94 8.66
C GLU D 241 -7.12 40.02 8.79
N ARG D 242 -6.15 39.79 9.68
N ARG D 242 -6.14 39.81 9.67
CA ARG D 242 -5.03 40.73 9.86
CA ARG D 242 -5.05 40.77 9.86
C ARG D 242 -4.20 40.78 8.57
C ARG D 242 -4.16 40.78 8.59
N ILE D 243 -3.91 39.60 8.02
CA ILE D 243 -3.09 39.54 6.80
C ILE D 243 -3.81 40.29 5.65
N PHE D 244 -5.11 40.04 5.51
CA PHE D 244 -5.90 40.70 4.47
C PHE D 244 -5.89 42.21 4.69
N THR D 245 -6.20 42.68 5.90
CA THR D 245 -6.31 44.13 6.12
C THR D 245 -4.93 44.82 6.01
N ASP D 246 -3.86 44.15 6.46
CA ASP D 246 -2.50 44.73 6.26
C ASP D 246 -2.10 44.77 4.80
N ILE D 247 -2.33 43.68 4.04
CA ILE D 247 -2.02 43.78 2.62
C ILE D 247 -2.82 44.88 1.93
N ARG D 249 -4.05 47.66 3.17
CA ARG D 249 -3.58 49.00 3.53
C ARG D 249 -2.17 49.38 3.03
N TYR D 250 -1.25 48.43 3.04
CA TYR D 250 0.12 48.69 2.64
C TYR D 250 0.35 48.51 1.12
N CYS D 251 -0.40 47.62 0.49
CA CYS D 251 -0.13 47.26 -0.91
C CYS D 251 -1.23 47.71 -1.89
N GLN D 252 -2.40 48.03 -1.33
N GLN D 252 -2.41 48.02 -1.36
CA GLN D 252 -3.58 48.50 -2.07
CA GLN D 252 -3.50 48.58 -2.17
C GLN D 252 -3.83 47.81 -3.41
C GLN D 252 -3.82 47.82 -3.47
N PRO D 253 -3.97 46.49 -3.41
CA PRO D 253 -4.36 45.82 -4.66
C PRO D 253 -5.81 46.14 -5.00
N GLN D 254 -6.17 45.98 -6.27
CA GLN D 254 -7.54 46.18 -6.71
C GLN D 254 -8.42 45.04 -6.21
N SER D 255 -7.87 43.82 -6.14
CA SER D 255 -8.61 42.69 -5.62
C SER D 255 -7.67 41.80 -4.85
N LEU D 256 -8.22 41.05 -3.88
CA LEU D 256 -7.37 40.30 -2.95
C LEU D 256 -8.12 39.18 -2.34
N THR D 257 -7.48 37.99 -2.28
CA THR D 257 -8.02 36.89 -1.49
C THR D 257 -6.92 36.36 -0.62
N VAL D 258 -7.22 36.19 0.68
CA VAL D 258 -6.25 35.51 1.57
C VAL D 258 -6.92 34.32 2.17
N TYR D 259 -6.28 33.17 2.02
CA TYR D 259 -6.91 31.89 2.42
C TYR D 259 -5.87 31.06 3.13
N ALA D 260 -6.09 30.75 4.41
CA ALA D 260 -5.14 29.89 5.12
C ALA D 260 -5.83 28.56 5.47
N ARG D 261 -4.98 27.53 5.51
CA ARG D 261 -5.37 26.18 5.89
C ARG D 261 -4.47 25.74 7.03
N TYR D 262 -5.08 25.56 8.20
CA TYR D 262 -4.31 25.24 9.39
C TYR D 262 -4.37 23.75 9.69
N THR D 263 -3.30 23.25 10.25
N THR D 263 -3.30 23.24 10.26
CA THR D 263 -3.34 21.86 10.71
CA THR D 263 -3.30 21.84 10.68
C THR D 263 -4.26 21.72 11.91
C THR D 263 -4.20 21.70 11.90
N ARG D 264 -4.85 20.55 12.03
CA ARG D 264 -5.85 20.35 13.10
C ARG D 264 -5.24 20.46 14.46
N ARG D 265 -6.09 20.86 15.40
CA ARG D 265 -5.77 20.80 16.80
C ARG D 265 -6.97 20.14 17.42
N GLY D 266 -6.74 19.08 18.15
CA GLY D 266 -7.83 18.43 18.88
C GLY D 266 -8.79 17.78 17.87
N GLY D 267 -8.30 17.42 16.71
CA GLY D 267 -9.09 16.59 15.79
C GLY D 267 -9.90 17.36 14.76
N LEU D 268 -9.86 18.69 14.82
N LEU D 268 -9.86 18.67 14.82
CA LEU D 268 -10.57 19.55 13.89
CA LEU D 268 -10.47 19.43 13.75
C LEU D 268 -9.66 20.65 13.36
C LEU D 268 -9.59 20.58 13.32
N ASP D 269 -9.80 20.99 12.09
CA ASP D 269 -9.03 22.12 11.55
C ASP D 269 -9.92 23.23 11.07
N ILE D 270 -9.29 24.38 10.85
N ILE D 270 -9.28 24.40 10.91
CA ILE D 270 -10.01 25.53 10.38
CA ILE D 270 -9.90 25.66 10.50
C ILE D 270 -9.25 26.17 9.25
C ILE D 270 -9.23 26.16 9.23
N ASN D 271 -10.03 26.65 8.29
CA ASN D 271 -9.51 27.10 7.01
C ASN D 271 -10.22 28.42 6.67
N PRO D 272 -9.73 29.52 7.23
CA PRO D 272 -10.44 30.80 6.96
C PRO D 272 -10.11 31.40 5.62
N PHE D 273 -11.18 31.80 4.93
CA PHE D 273 -11.08 32.38 3.56
C PHE D 273 -11.66 33.79 3.62
N ARG D 274 -10.90 34.77 3.14
CA ARG D 274 -11.34 36.17 3.15
C ARG D 274 -10.98 36.79 1.85
N SER D 275 -11.93 37.52 1.25
CA SER D 275 -11.71 38.04 -0.10
C SER D 275 -12.46 39.32 -0.34
N SER D 276 -11.91 40.16 -1.22
CA SER D 276 -12.64 41.35 -1.62
C SER D 276 -13.80 41.02 -2.54
N HIS D 277 -13.74 39.89 -3.25
CA HIS D 277 -14.72 39.60 -4.30
C HIS D 277 -15.22 38.14 -4.40
N GLN D 278 -14.49 37.19 -3.83
CA GLN D 278 -14.87 35.75 -3.93
C GLN D 278 -15.51 35.33 -2.62
N SER D 279 -16.39 34.31 -2.65
CA SER D 279 -17.10 33.88 -1.44
C SER D 279 -16.45 32.69 -0.68
N ALA D 280 -15.75 31.81 -1.38
CA ALA D 280 -15.33 30.53 -0.78
C ALA D 280 -14.32 29.91 -1.70
N PRO D 281 -13.49 28.99 -1.18
CA PRO D 281 -12.60 28.23 -2.05
C PRO D 281 -13.45 27.22 -2.77
N ASN D 282 -12.93 26.60 -3.84
N ASN D 282 -12.94 26.60 -3.84
CA ASN D 282 -13.69 25.64 -4.64
CA ASN D 282 -13.74 25.64 -4.61
C ASN D 282 -13.88 24.24 -4.04
C ASN D 282 -14.02 24.33 -3.90
N HIS D 283 -13.13 23.94 -2.98
CA HIS D 283 -13.22 22.61 -2.40
C HIS D 283 -12.61 22.71 -1.04
N ASN D 284 -12.70 21.62 -0.26
CA ASN D 284 -12.04 21.55 1.02
C ASN D 284 -11.07 20.36 1.03
N GLN D 285 -10.25 20.23 0.00
CA GLN D 285 -9.29 19.12 -0.04
C GLN D 285 -8.13 19.39 0.91
N ARG D 286 -7.67 18.35 1.62
CA ARG D 286 -6.66 18.55 2.63
C ARG D 286 -5.25 18.71 2.07
N ALA D 288 -0.90 18.52 2.91
CA ALA D 288 -0.07 17.42 3.39
C ALA D 288 0.02 17.33 4.91
N ARG D 289 0.08 18.46 5.60
CA ARG D 289 0.19 18.41 7.08
C ARG D 289 -1.16 18.35 7.74
N GLN D 290 -2.22 18.58 7.00
CA GLN D 290 -3.56 18.55 7.57
C GLN D 290 -3.97 17.09 7.78
#